data_7S0B
#
_entry.id   7S0B
#
_cell.length_a   102.297
_cell.length_b   153.656
_cell.length_c   96.590
_cell.angle_alpha   90.000
_cell.angle_beta   90.000
_cell.angle_gamma   90.000
#
_symmetry.space_group_name_H-M   'P 21 21 2'
#
loop_
_entity.id
_entity.type
_entity.pdbx_description
1 polymer 'N-612-056 Fab Heavy Chain'
2 polymer 'N-612-056 Light Chain'
3 polymer 'Spike protein S1'
4 non-polymer 2-acetamido-2-deoxy-beta-D-glucopyranose
5 water water
#
loop_
_entity_poly.entity_id
_entity_poly.type
_entity_poly.pdbx_seq_one_letter_code
_entity_poly.pdbx_strand_id
1 'polypeptide(L)'
;EVQLVESGGGLVQPGGSLRLSCAASGFTFSSYAMSWVRQAPGKGLEWVSLISGSGGSTYYADSVKGRFTISRDNSKNTLY
LQMNSLRAEDTAVYYCARDLWGSGFFAFDVWGQGTLVTVSSASTKGPSVFPLAPSSKSTSGGTAALGCLVKDYFPEPVTV
SWNSGALTSGVHTFPAVLQSSGLYSLSSVVTVPSSSLGTQTYICNVNHKPSNTKVDKKVEPKSCDKTH
;
A,C
2 'polypeptide(L)'
;DIQMTQSPSSLSASVGDRVTITCQASQDISNYLNWYQQKPGKAPKLLIYDASNLETGVPSRFSGSGSGTDFTFTISSLQP
EDIATYYCQQDAGTPLTFGQGTKVEIKRTVAAPSVFIFPPSDEQLKSGTASVVCLLNNFYPREAKVQWKVDNALQSGNSQ
ESVTEQDSKDSTYSLSSTLTLSKADYEKHKVYACEVTHQGLSSPVTKSFNRGEC
;
B,D
3 'polypeptide(L)'
;RVQPTESIVRFPNITNLCPFGEVFNATRFASVYAWNRKRISNCVADYSVLYNSASFSTFKCYGVSPTKLNDLCFTNVYAD
SFVIRGDEVRQIAPGQTGKIADYNYKLPDDFTGCVIAWNSNNLDSKVGGNYNYLYRLFRKSNLKPFERDISTEIYQAGST
PCNGVEGFNCYFPLQSYGFQPTNGVGYQPYRVVVLSFELLHAPATVCGPKKSTNLHHHHHH
;
E,F
#
# COMPACT_ATOMS: atom_id res chain seq x y z
N GLU A 1 -9.04 -35.89 -10.32
CA GLU A 1 -8.64 -34.50 -10.14
C GLU A 1 -8.55 -33.78 -11.49
N VAL A 2 -8.84 -32.48 -11.47
CA VAL A 2 -8.78 -31.68 -12.69
C VAL A 2 -7.33 -31.35 -13.00
N GLN A 3 -6.98 -31.40 -14.28
CA GLN A 3 -5.61 -31.20 -14.71
C GLN A 3 -5.59 -30.41 -16.00
N LEU A 4 -4.75 -29.39 -16.06
CA LEU A 4 -4.48 -28.66 -17.29
C LEU A 4 -2.98 -28.65 -17.52
N VAL A 5 -2.55 -29.15 -18.67
CA VAL A 5 -1.13 -29.28 -18.98
C VAL A 5 -0.86 -28.54 -20.28
N GLU A 6 0.07 -27.59 -20.24
CA GLU A 6 0.37 -26.74 -21.38
C GLU A 6 1.63 -27.25 -22.07
N SER A 7 1.74 -26.92 -23.36
CA SER A 7 2.82 -27.44 -24.18
C SER A 7 2.95 -26.60 -25.43
N GLY A 8 4.16 -26.56 -25.96
CA GLY A 8 4.46 -25.81 -27.18
C GLY A 8 5.42 -24.66 -26.98
N GLY A 9 5.63 -24.22 -25.74
CA GLY A 9 6.50 -23.08 -25.48
C GLY A 9 7.92 -23.31 -25.94
N GLY A 10 8.46 -22.33 -26.66
CA GLY A 10 9.83 -22.41 -27.13
C GLY A 10 10.34 -21.04 -27.53
N LEU A 11 11.44 -21.05 -28.27
CA LEU A 11 12.03 -19.82 -28.79
C LEU A 11 11.66 -19.68 -30.25
N VAL A 12 11.20 -18.48 -30.63
CA VAL A 12 10.81 -18.16 -31.99
C VAL A 12 11.37 -16.80 -32.35
N GLN A 13 11.60 -16.61 -33.65
CA GLN A 13 12.00 -15.32 -34.16
C GLN A 13 10.84 -14.34 -34.08
N PRO A 14 11.11 -13.05 -33.92
CA PRO A 14 10.06 -12.06 -34.12
C PRO A 14 9.38 -12.30 -35.46
N GLY A 15 8.06 -12.16 -35.48
CA GLY A 15 7.26 -12.50 -36.64
C GLY A 15 7.01 -13.96 -36.85
N GLY A 16 7.64 -14.84 -36.07
CA GLY A 16 7.44 -16.26 -36.26
C GLY A 16 6.05 -16.69 -35.81
N SER A 17 5.89 -18.00 -35.70
CA SER A 17 4.61 -18.59 -35.34
C SER A 17 4.84 -19.68 -34.32
N LEU A 18 3.75 -20.09 -33.68
CA LEU A 18 3.80 -21.04 -32.58
C LEU A 18 2.38 -21.45 -32.25
N ARG A 19 2.19 -22.71 -31.88
CA ARG A 19 0.86 -23.21 -31.51
C ARG A 19 0.93 -23.85 -30.13
N LEU A 20 0.28 -23.21 -29.16
CA LEU A 20 0.19 -23.74 -27.80
C LEU A 20 -0.88 -24.81 -27.70
N SER A 21 -0.61 -25.81 -26.86
CA SER A 21 -1.57 -26.88 -26.58
C SER A 21 -1.79 -26.98 -25.08
N CYS A 22 -3.04 -27.22 -24.70
CA CYS A 22 -3.42 -27.42 -23.30
C CYS A 22 -4.25 -28.69 -23.23
N ALA A 23 -3.70 -29.72 -22.60
CA ALA A 23 -4.40 -31.00 -22.44
C ALA A 23 -5.20 -30.97 -21.14
N ALA A 24 -6.49 -31.27 -21.24
CA ALA A 24 -7.40 -31.24 -20.10
C ALA A 24 -7.79 -32.66 -19.71
N SER A 25 -7.88 -32.90 -18.40
CA SER A 25 -8.28 -34.20 -17.88
C SER A 25 -8.95 -34.00 -16.52
N GLY A 26 -9.88 -34.91 -16.20
CA GLY A 26 -10.53 -34.92 -14.92
C GLY A 26 -11.92 -34.29 -14.88
N PHE A 27 -12.37 -33.66 -15.97
CA PHE A 27 -13.69 -33.05 -16.01
C PHE A 27 -14.19 -33.10 -17.44
N THR A 28 -15.47 -32.75 -17.60
CA THR A 28 -16.13 -32.75 -18.91
C THR A 28 -15.71 -31.49 -19.65
N PHE A 29 -14.56 -31.59 -20.34
CA PHE A 29 -13.97 -30.47 -21.06
C PHE A 29 -14.98 -29.71 -21.91
N SER A 30 -15.84 -30.43 -22.63
CA SER A 30 -16.74 -29.81 -23.61
C SER A 30 -17.77 -28.87 -23.00
N SER A 31 -17.85 -28.76 -21.67
CA SER A 31 -18.88 -27.95 -21.03
C SER A 31 -18.31 -26.78 -20.24
N TYR A 32 -17.04 -26.44 -20.44
CA TYR A 32 -16.41 -25.33 -19.73
C TYR A 32 -15.79 -24.37 -20.74
N ALA A 33 -16.06 -23.08 -20.58
CA ALA A 33 -15.29 -22.08 -21.28
C ALA A 33 -13.85 -22.10 -20.79
N MET A 34 -12.92 -21.96 -21.71
CA MET A 34 -11.50 -21.96 -21.38
C MET A 34 -10.89 -20.62 -21.79
N SER A 35 -9.80 -20.27 -21.14
CA SER A 35 -9.17 -18.97 -21.39
C SER A 35 -7.65 -19.13 -21.38
N TRP A 36 -6.98 -18.18 -22.03
CA TRP A 36 -5.53 -18.09 -22.03
C TRP A 36 -5.13 -16.84 -21.27
N VAL A 37 -4.15 -16.98 -20.38
CA VAL A 37 -3.65 -15.88 -19.56
C VAL A 37 -2.13 -15.95 -19.55
N ARG A 38 -1.48 -14.85 -19.91
CA ARG A 38 -0.02 -14.83 -19.97
C ARG A 38 0.56 -13.91 -18.89
N GLN A 39 1.86 -14.09 -18.65
CA GLN A 39 2.59 -13.33 -17.64
C GLN A 39 3.99 -13.05 -18.17
N ALA A 40 4.28 -11.78 -18.49
CA ALA A 40 5.63 -11.40 -18.84
C ALA A 40 6.54 -11.60 -17.62
N PRO A 41 7.83 -11.91 -17.84
CA PRO A 41 8.70 -12.28 -16.71
C PRO A 41 8.86 -11.16 -15.69
N GLY A 42 8.36 -11.39 -14.48
CA GLY A 42 8.40 -10.38 -13.43
C GLY A 42 7.32 -9.32 -13.52
N LYS A 43 6.30 -9.53 -14.34
CA LYS A 43 5.17 -8.62 -14.47
C LYS A 43 3.89 -9.28 -13.94
N GLY A 44 2.79 -8.52 -14.01
CA GLY A 44 1.49 -9.03 -13.60
C GLY A 44 0.89 -9.97 -14.62
N LEU A 45 -0.43 -10.13 -14.54
CA LEU A 45 -1.16 -11.03 -15.41
C LEU A 45 -1.97 -10.27 -16.44
N GLU A 46 -2.20 -10.89 -17.59
CA GLU A 46 -2.99 -10.31 -18.66
C GLU A 46 -3.82 -11.40 -19.31
N TRP A 47 -5.15 -11.28 -19.21
CA TRP A 47 -6.04 -12.13 -19.97
C TRP A 47 -5.78 -11.96 -21.46
N VAL A 48 -5.82 -13.07 -22.20
CA VAL A 48 -5.46 -13.07 -23.62
C VAL A 48 -6.68 -13.36 -24.48
N SER A 49 -7.35 -14.48 -24.25
CA SER A 49 -8.45 -14.89 -25.10
C SER A 49 -9.32 -15.88 -24.36
N LEU A 50 -10.55 -16.02 -24.81
CA LEU A 50 -11.51 -16.93 -24.21
C LEU A 50 -12.30 -17.64 -25.30
N ILE A 51 -12.56 -18.91 -25.08
CA ILE A 51 -13.40 -19.70 -25.99
C ILE A 51 -14.51 -20.35 -25.18
N SER A 52 -15.71 -20.38 -25.74
CA SER A 52 -16.82 -21.03 -25.08
C SER A 52 -16.66 -22.55 -25.18
N GLY A 53 -17.52 -23.26 -24.46
CA GLY A 53 -17.45 -24.72 -24.40
C GLY A 53 -17.52 -25.39 -25.75
N SER A 54 -18.60 -25.15 -26.51
CA SER A 54 -18.71 -25.68 -27.86
C SER A 54 -17.63 -25.14 -28.78
N GLY A 55 -17.05 -23.98 -28.46
CA GLY A 55 -16.14 -23.30 -29.34
C GLY A 55 -16.77 -22.27 -30.25
N GLY A 56 -18.09 -22.05 -30.14
CA GLY A 56 -18.76 -21.14 -31.05
C GLY A 56 -18.41 -19.68 -30.84
N SER A 57 -18.12 -19.30 -29.60
CA SER A 57 -17.84 -17.90 -29.26
C SER A 57 -16.40 -17.77 -28.80
N THR A 58 -15.68 -16.81 -29.37
CA THR A 58 -14.31 -16.50 -29.00
C THR A 58 -14.15 -15.01 -28.75
N TYR A 59 -13.28 -14.68 -27.80
CA TYR A 59 -13.03 -13.31 -27.39
C TYR A 59 -11.54 -13.11 -27.23
N TYR A 60 -11.04 -11.95 -27.63
CA TYR A 60 -9.62 -11.65 -27.56
C TYR A 60 -9.38 -10.31 -26.89
N ALA A 61 -8.20 -10.17 -26.31
CA ALA A 61 -7.73 -8.86 -25.89
C ALA A 61 -7.26 -8.09 -27.11
N ASP A 62 -7.42 -6.77 -27.07
CA ASP A 62 -7.08 -5.94 -28.23
C ASP A 62 -5.63 -6.13 -28.62
N SER A 63 -4.75 -6.32 -27.64
CA SER A 63 -3.31 -6.43 -27.90
C SER A 63 -2.94 -7.67 -28.70
N VAL A 64 -3.87 -8.60 -28.93
CA VAL A 64 -3.60 -9.82 -29.66
C VAL A 64 -4.61 -10.10 -30.76
N LYS A 65 -5.62 -9.26 -30.95
CA LYS A 65 -6.58 -9.42 -32.06
C LYS A 65 -5.88 -9.66 -33.38
N GLY A 66 -6.44 -10.59 -34.15
CA GLY A 66 -6.00 -10.85 -35.50
C GLY A 66 -4.67 -11.54 -35.64
N ARG A 67 -3.86 -11.58 -34.58
CA ARG A 67 -2.65 -12.39 -34.57
C ARG A 67 -2.88 -13.75 -33.95
N PHE A 68 -3.57 -13.80 -32.80
CA PHE A 68 -3.79 -15.04 -32.08
C PHE A 68 -5.17 -15.61 -32.38
N THR A 69 -5.29 -16.93 -32.26
CA THR A 69 -6.56 -17.60 -32.46
C THR A 69 -6.70 -18.71 -31.43
N ILE A 70 -7.74 -18.63 -30.62
CA ILE A 70 -8.06 -19.68 -29.65
C ILE A 70 -8.93 -20.71 -30.35
N SER A 71 -8.75 -21.98 -29.96
CA SER A 71 -9.53 -23.06 -30.56
C SER A 71 -9.44 -24.28 -29.66
N ARG A 72 -10.34 -25.23 -29.90
CA ARG A 72 -10.41 -26.43 -29.09
C ARG A 72 -10.91 -27.59 -29.92
N ASP A 73 -10.43 -28.78 -29.60
CA ASP A 73 -11.02 -30.04 -30.07
C ASP A 73 -11.54 -30.76 -28.84
N ASN A 74 -12.85 -30.66 -28.60
CA ASN A 74 -13.47 -31.36 -27.48
C ASN A 74 -13.29 -32.86 -27.60
N SER A 75 -12.90 -33.36 -28.78
CA SER A 75 -12.59 -34.77 -28.93
C SER A 75 -11.32 -35.13 -28.17
N LYS A 76 -10.22 -34.41 -28.42
CA LYS A 76 -8.95 -34.68 -27.75
C LYS A 76 -8.82 -34.01 -26.39
N ASN A 77 -9.89 -33.37 -25.89
CA ASN A 77 -9.83 -32.61 -24.63
C ASN A 77 -8.65 -31.64 -24.63
N THR A 78 -8.47 -30.96 -25.76
CA THR A 78 -7.33 -30.08 -25.96
C THR A 78 -7.80 -28.67 -26.30
N LEU A 79 -7.14 -27.69 -25.70
CA LEU A 79 -7.33 -26.28 -26.04
C LEU A 79 -6.08 -25.81 -26.76
N TYR A 80 -6.26 -24.98 -27.78
CA TYR A 80 -5.15 -24.50 -28.59
C TYR A 80 -5.09 -22.99 -28.58
N LEU A 81 -3.87 -22.46 -28.76
CA LEU A 81 -3.65 -21.05 -29.06
C LEU A 81 -2.67 -20.95 -30.21
N GLN A 82 -3.14 -20.46 -31.35
CA GLN A 82 -2.30 -20.28 -32.53
C GLN A 82 -1.83 -18.84 -32.59
N MET A 83 -0.52 -18.63 -32.52
CA MET A 83 0.06 -17.30 -32.41
C MET A 83 0.92 -17.03 -33.65
N ASN A 84 0.55 -16.00 -34.41
CA ASN A 84 1.30 -15.55 -35.57
C ASN A 84 1.70 -14.09 -35.37
N SER A 85 2.72 -13.66 -36.11
CA SER A 85 3.26 -12.31 -36.02
C SER A 85 3.70 -12.00 -34.58
N LEU A 86 4.42 -12.95 -33.99
CA LEU A 86 4.92 -12.78 -32.64
C LEU A 86 5.89 -11.60 -32.55
N ARG A 87 5.87 -10.93 -31.41
CA ARG A 87 6.73 -9.79 -31.14
C ARG A 87 7.46 -10.01 -29.83
N ALA A 88 8.50 -9.20 -29.60
CA ALA A 88 9.27 -9.32 -28.36
C ALA A 88 8.39 -9.17 -27.14
N GLU A 89 7.26 -8.47 -27.27
CA GLU A 89 6.38 -8.21 -26.14
C GLU A 89 5.49 -9.39 -25.79
N ASP A 90 5.33 -10.35 -26.70
CA ASP A 90 4.59 -11.56 -26.38
C ASP A 90 5.39 -12.56 -25.56
N THR A 91 6.65 -12.25 -25.25
CA THR A 91 7.46 -13.13 -24.42
C THR A 91 6.84 -13.25 -23.04
N ALA A 92 6.30 -14.43 -22.73
CA ALA A 92 5.60 -14.64 -21.47
C ALA A 92 5.42 -16.13 -21.24
N VAL A 93 5.08 -16.47 -20.01
CA VAL A 93 4.56 -17.79 -19.67
C VAL A 93 3.06 -17.79 -19.93
N TYR A 94 2.56 -18.84 -20.57
CA TYR A 94 1.16 -18.90 -20.97
C TYR A 94 0.44 -20.01 -20.21
N TYR A 95 -0.67 -19.66 -19.57
CA TYR A 95 -1.52 -20.61 -18.86
C TYR A 95 -2.86 -20.74 -19.55
N CYS A 96 -3.40 -21.96 -19.58
CA CYS A 96 -4.80 -22.17 -19.88
C CYS A 96 -5.57 -22.22 -18.57
N ALA A 97 -6.73 -21.58 -18.55
CA ALA A 97 -7.52 -21.47 -17.33
C ALA A 97 -8.96 -21.85 -17.61
N ARG A 98 -9.54 -22.60 -16.67
CA ARG A 98 -10.92 -23.04 -16.76
C ARG A 98 -11.84 -22.00 -16.13
N ASP A 99 -13.03 -21.85 -16.72
CA ASP A 99 -14.05 -21.00 -16.11
C ASP A 99 -14.62 -21.69 -14.89
N LEU A 100 -14.86 -20.91 -13.82
CA LEU A 100 -15.28 -21.49 -12.56
C LEU A 100 -16.57 -22.31 -12.71
N TRP A 101 -17.54 -21.77 -13.45
CA TRP A 101 -18.78 -22.48 -13.70
C TRP A 101 -18.87 -23.08 -15.09
N GLY A 102 -18.08 -22.56 -16.04
CA GLY A 102 -18.08 -23.05 -17.40
C GLY A 102 -18.88 -22.20 -18.36
N SER A 103 -19.78 -21.36 -17.82
CA SER A 103 -20.60 -20.51 -18.67
C SER A 103 -19.76 -19.48 -19.42
N GLY A 104 -18.80 -18.87 -18.73
CA GLY A 104 -17.93 -17.90 -19.37
C GLY A 104 -17.73 -16.66 -18.51
N PHE A 105 -16.53 -16.09 -18.55
CA PHE A 105 -16.23 -14.84 -17.86
C PHE A 105 -16.56 -14.91 -16.37
N PHE A 106 -16.23 -16.02 -15.75
CA PHE A 106 -16.23 -16.13 -14.31
C PHE A 106 -14.78 -16.29 -13.84
N ALA A 107 -14.60 -16.53 -12.54
CA ALA A 107 -13.26 -16.69 -12.01
C ALA A 107 -12.56 -17.88 -12.68
N PHE A 108 -11.24 -17.79 -12.79
CA PHE A 108 -10.43 -18.88 -13.30
C PHE A 108 -10.09 -19.79 -12.12
N ASP A 109 -10.70 -20.97 -12.08
CA ASP A 109 -10.50 -21.87 -10.95
CA ASP A 109 -10.52 -21.89 -10.95
C ASP A 109 -9.31 -22.81 -11.13
N VAL A 110 -9.01 -23.24 -12.34
CA VAL A 110 -7.92 -24.19 -12.55
C VAL A 110 -6.96 -23.59 -13.57
N TRP A 111 -5.67 -23.70 -13.28
CA TRP A 111 -4.62 -23.21 -14.16
C TRP A 111 -3.63 -24.34 -14.42
N GLY A 112 -3.03 -24.33 -15.61
CA GLY A 112 -1.95 -25.24 -15.90
C GLY A 112 -0.67 -24.79 -15.22
N GLN A 113 0.41 -25.49 -15.53
CA GLN A 113 1.69 -25.08 -14.95
C GLN A 113 2.29 -23.91 -15.70
N GLY A 114 1.86 -23.65 -16.92
CA GLY A 114 2.42 -22.64 -17.76
C GLY A 114 3.38 -23.23 -18.80
N THR A 115 3.62 -22.45 -19.85
CA THR A 115 4.70 -22.75 -20.79
C THR A 115 5.31 -21.44 -21.24
N LEU A 116 6.63 -21.43 -21.39
CA LEU A 116 7.37 -20.19 -21.63
C LEU A 116 7.60 -20.00 -23.12
N VAL A 117 7.20 -18.84 -23.61
CA VAL A 117 7.37 -18.46 -25.01
C VAL A 117 8.32 -17.28 -25.02
N THR A 118 9.53 -17.48 -25.54
CA THR A 118 10.50 -16.41 -25.71
C THR A 118 10.55 -16.01 -27.19
N VAL A 119 10.43 -14.71 -27.45
CA VAL A 119 10.52 -14.16 -28.80
C VAL A 119 11.77 -13.30 -28.85
N SER A 120 12.81 -13.79 -29.52
CA SER A 120 14.06 -13.06 -29.65
C SER A 120 14.76 -13.46 -30.93
N SER A 121 15.53 -12.53 -31.49
CA SER A 121 16.37 -12.82 -32.65
C SER A 121 17.64 -13.57 -32.28
N ALA A 122 17.94 -13.69 -31.00
CA ALA A 122 19.12 -14.42 -30.55
C ALA A 122 18.94 -15.93 -30.75
N SER A 123 20.06 -16.65 -30.72
CA SER A 123 20.09 -18.07 -31.02
C SER A 123 20.20 -18.90 -29.75
N THR A 124 19.71 -20.13 -29.82
CA THR A 124 19.78 -21.06 -28.69
C THR A 124 21.24 -21.34 -28.32
N LYS A 125 21.52 -21.40 -27.02
CA LYS A 125 22.84 -21.73 -26.53
C LYS A 125 22.74 -22.58 -25.26
N GLY A 126 23.40 -23.74 -25.27
CA GLY A 126 23.52 -24.57 -24.10
C GLY A 126 24.51 -24.00 -23.12
N PRO A 127 24.28 -24.23 -21.83
CA PRO A 127 25.11 -23.58 -20.81
C PRO A 127 26.43 -24.28 -20.59
N SER A 128 27.09 -23.93 -19.49
CA SER A 128 28.28 -24.64 -19.01
C SER A 128 28.16 -24.76 -17.50
N VAL A 129 28.52 -25.93 -16.98
CA VAL A 129 28.28 -26.28 -15.58
C VAL A 129 29.62 -26.37 -14.88
N PHE A 130 29.91 -25.37 -14.05
CA PHE A 130 31.16 -25.27 -13.32
C PHE A 130 30.92 -25.47 -11.83
N PRO A 131 31.64 -26.38 -11.18
CA PRO A 131 31.37 -26.67 -9.78
C PRO A 131 31.97 -25.62 -8.86
N LEU A 132 31.25 -25.35 -7.77
CA LEU A 132 31.67 -24.40 -6.74
C LEU A 132 31.98 -25.22 -5.49
N ALA A 133 33.28 -25.40 -5.21
CA ALA A 133 33.72 -26.36 -4.20
C ALA A 133 33.94 -25.68 -2.85
N PRO A 134 33.60 -26.37 -1.77
CA PRO A 134 33.92 -25.85 -0.43
C PRO A 134 35.34 -26.15 -0.03
N SER A 135 35.92 -25.25 0.76
CA SER A 135 37.30 -25.38 1.21
C SER A 135 37.43 -26.36 2.37
N SER A 140 33.19 -24.76 6.08
CA SER A 140 33.33 -23.32 6.27
C SER A 140 32.45 -22.83 7.44
N GLY A 141 32.78 -23.28 8.65
CA GLY A 141 32.06 -22.85 9.84
C GLY A 141 31.02 -23.84 10.30
N GLY A 142 31.45 -25.07 10.58
CA GLY A 142 30.60 -26.16 11.05
C GLY A 142 29.73 -26.74 9.95
N THR A 143 29.16 -25.87 9.12
CA THR A 143 28.41 -26.26 7.94
C THR A 143 29.17 -25.74 6.72
N ALA A 144 29.06 -26.46 5.62
CA ALA A 144 29.75 -26.08 4.40
C ALA A 144 28.74 -25.85 3.28
N ALA A 145 29.08 -24.93 2.40
CA ALA A 145 28.26 -24.63 1.23
C ALA A 145 28.95 -25.15 -0.01
N LEU A 146 28.15 -25.56 -0.99
CA LEU A 146 28.69 -25.96 -2.28
C LEU A 146 27.61 -25.78 -3.33
N GLY A 147 28.06 -25.63 -4.57
CA GLY A 147 27.12 -25.29 -5.63
C GLY A 147 27.74 -25.49 -6.98
N CYS A 148 26.96 -25.10 -7.99
CA CYS A 148 27.32 -25.25 -9.39
C CYS A 148 26.81 -24.03 -10.16
N LEU A 149 27.62 -23.57 -11.10
CA LEU A 149 27.38 -22.32 -11.82
C LEU A 149 26.91 -22.64 -13.23
N VAL A 150 25.67 -22.28 -13.54
CA VAL A 150 25.11 -22.47 -14.88
C VAL A 150 25.28 -21.15 -15.63
N LYS A 151 26.17 -21.16 -16.62
CA LYS A 151 26.66 -19.94 -17.25
C LYS A 151 26.53 -20.05 -18.76
N ASP A 152 26.18 -18.94 -19.39
CA ASP A 152 26.16 -18.79 -20.86
C ASP A 152 25.12 -19.72 -21.49
N TYR A 153 23.85 -19.38 -21.27
CA TYR A 153 22.79 -20.08 -21.96
C TYR A 153 21.71 -19.11 -22.38
N PHE A 154 20.90 -19.55 -23.34
CA PHE A 154 19.76 -18.82 -23.86
C PHE A 154 18.93 -19.79 -24.69
N PRO A 155 17.60 -19.77 -24.55
CA PRO A 155 16.90 -18.89 -23.61
C PRO A 155 16.65 -19.54 -22.27
N GLU A 156 15.69 -18.99 -21.54
CA GLU A 156 15.18 -19.64 -20.35
C GLU A 156 14.17 -20.71 -20.75
N PRO A 157 13.95 -21.72 -19.90
CA PRO A 157 14.54 -21.89 -18.57
C PRO A 157 15.53 -23.03 -18.50
N VAL A 158 16.29 -23.05 -17.41
CA VAL A 158 17.07 -24.20 -17.03
C VAL A 158 16.52 -24.69 -15.69
N THR A 159 16.40 -26.00 -15.55
CA THR A 159 15.97 -26.62 -14.29
C THR A 159 17.18 -27.24 -13.61
N VAL A 160 17.42 -26.84 -12.36
CA VAL A 160 18.53 -27.33 -11.58
C VAL A 160 17.99 -28.13 -10.41
N SER A 161 18.48 -29.36 -10.26
CA SER A 161 18.15 -30.20 -9.13
C SER A 161 19.44 -30.67 -8.47
N TRP A 162 19.30 -31.24 -7.27
CA TRP A 162 20.43 -31.78 -6.53
C TRP A 162 20.12 -33.22 -6.15
N ASN A 163 21.01 -34.14 -6.53
CA ASN A 163 20.82 -35.57 -6.28
C ASN A 163 19.51 -36.06 -6.89
N SER A 164 19.29 -35.66 -8.14
CA SER A 164 18.11 -35.99 -8.93
C SER A 164 16.83 -35.38 -8.37
N GLY A 165 16.98 -34.39 -7.49
CA GLY A 165 15.85 -33.78 -6.81
C GLY A 165 15.53 -34.40 -5.47
N ALA A 166 16.30 -35.40 -5.05
CA ALA A 166 16.11 -36.04 -3.75
C ALA A 166 16.69 -35.24 -2.60
N LEU A 167 17.51 -34.23 -2.88
CA LEU A 167 18.10 -33.39 -1.84
C LEU A 167 17.52 -31.99 -2.02
N THR A 168 16.69 -31.57 -1.06
CA THR A 168 16.03 -30.27 -1.12
C THR A 168 16.28 -29.40 0.11
N SER A 169 16.71 -29.98 1.23
CA SER A 169 16.95 -29.17 2.43
C SER A 169 18.21 -28.34 2.26
N GLY A 170 18.09 -27.04 2.52
CA GLY A 170 19.22 -26.15 2.38
C GLY A 170 19.60 -25.81 0.96
N VAL A 171 18.75 -26.11 -0.02
CA VAL A 171 19.02 -25.82 -1.42
C VAL A 171 18.51 -24.42 -1.76
N HIS A 172 19.27 -23.70 -2.57
CA HIS A 172 18.91 -22.35 -2.98
C HIS A 172 19.35 -22.16 -4.42
N THR A 173 18.41 -22.33 -5.35
CA THR A 173 18.65 -22.14 -6.78
C THR A 173 18.21 -20.73 -7.15
N PHE A 174 19.16 -19.89 -7.53
CA PHE A 174 18.89 -18.47 -7.72
C PHE A 174 18.23 -18.21 -9.06
N PRO A 175 17.39 -17.17 -9.14
CA PRO A 175 16.85 -16.77 -10.44
C PRO A 175 17.97 -16.35 -11.37
N ALA A 176 17.78 -16.62 -12.66
CA ALA A 176 18.81 -16.31 -13.65
C ALA A 176 19.02 -14.80 -13.75
N VAL A 177 20.22 -14.41 -14.18
CA VAL A 177 20.52 -13.01 -14.45
C VAL A 177 21.00 -12.90 -15.89
N LEU A 178 20.68 -11.77 -16.51
CA LEU A 178 21.01 -11.52 -17.90
C LEU A 178 22.30 -10.69 -17.93
N GLN A 179 23.42 -11.35 -18.28
CA GLN A 179 24.69 -10.65 -18.35
C GLN A 179 24.73 -9.75 -19.59
N SER A 180 25.73 -8.87 -19.61
CA SER A 180 25.93 -7.95 -20.73
C SER A 180 25.83 -8.64 -22.09
N SER A 181 26.48 -9.79 -22.24
CA SER A 181 26.57 -10.49 -23.52
C SER A 181 25.23 -10.99 -24.04
N GLY A 182 24.14 -10.70 -23.33
CA GLY A 182 22.85 -11.21 -23.73
C GLY A 182 22.67 -12.69 -23.46
N LEU A 183 23.35 -13.22 -22.45
CA LEU A 183 23.25 -14.59 -22.03
C LEU A 183 22.88 -14.65 -20.55
N TYR A 184 22.29 -15.77 -20.15
CA TYR A 184 21.84 -15.93 -18.77
C TYR A 184 22.91 -16.63 -17.93
N SER A 185 22.95 -16.27 -16.66
CA SER A 185 23.88 -16.85 -15.71
C SER A 185 23.11 -17.15 -14.43
N LEU A 186 23.13 -18.39 -14.00
CA LEU A 186 22.35 -18.81 -12.85
C LEU A 186 23.25 -19.55 -11.87
N SER A 187 22.84 -19.55 -10.61
CA SER A 187 23.60 -20.19 -9.55
C SER A 187 22.66 -21.00 -8.67
N SER A 188 23.16 -22.13 -8.18
CA SER A 188 22.42 -22.98 -7.26
C SER A 188 23.37 -23.48 -6.19
N VAL A 189 22.96 -23.35 -4.93
CA VAL A 189 23.81 -23.69 -3.80
C VAL A 189 23.02 -24.61 -2.87
N VAL A 190 23.77 -25.30 -2.01
CA VAL A 190 23.18 -26.09 -0.93
C VAL A 190 24.15 -26.07 0.24
N THR A 191 23.59 -25.99 1.45
CA THR A 191 24.39 -26.06 2.66
C THR A 191 24.26 -27.44 3.27
N VAL A 192 25.38 -27.95 3.80
CA VAL A 192 25.50 -29.34 4.20
C VAL A 192 26.39 -29.39 5.44
N PRO A 193 26.24 -30.38 6.32
CA PRO A 193 27.19 -30.50 7.44
C PRO A 193 28.59 -30.74 6.94
N SER A 194 29.55 -30.05 7.56
CA SER A 194 30.95 -30.16 7.13
C SER A 194 31.52 -31.55 7.40
N SER A 195 30.76 -32.43 8.06
CA SER A 195 31.22 -33.79 8.30
C SER A 195 30.88 -34.73 7.14
N SER A 196 30.20 -34.21 6.11
CA SER A 196 29.74 -35.02 4.99
C SER A 196 30.56 -34.85 3.72
N LEU A 197 31.50 -33.89 3.69
CA LEU A 197 32.16 -33.47 2.46
C LEU A 197 32.76 -34.63 1.66
N GLY A 198 33.85 -35.22 2.15
CA GLY A 198 34.45 -36.33 1.42
C GLY A 198 33.70 -37.64 1.52
N THR A 199 32.67 -37.69 2.37
CA THR A 199 31.90 -38.91 2.64
C THR A 199 30.71 -39.04 1.69
N GLN A 200 29.92 -37.98 1.57
CA GLN A 200 28.70 -37.99 0.78
C GLN A 200 28.97 -37.57 -0.66
N THR A 201 28.07 -37.98 -1.56
CA THR A 201 28.13 -37.60 -2.96
C THR A 201 27.02 -36.60 -3.25
N TYR A 202 27.39 -35.46 -3.84
CA TYR A 202 26.48 -34.36 -4.13
C TYR A 202 26.54 -34.06 -5.63
N ILE A 203 25.43 -34.29 -6.33
CA ILE A 203 25.40 -34.19 -7.78
C ILE A 203 24.51 -33.02 -8.17
N CYS A 204 25.03 -32.13 -9.02
CA CYS A 204 24.29 -31.03 -9.60
C CYS A 204 23.73 -31.47 -10.95
N ASN A 205 22.40 -31.54 -11.07
CA ASN A 205 21.74 -31.88 -12.32
C ASN A 205 21.17 -30.63 -12.96
N VAL A 206 21.60 -30.36 -14.19
CA VAL A 206 21.18 -29.18 -14.93
C VAL A 206 20.53 -29.67 -16.21
N ASN A 207 19.30 -29.20 -16.47
CA ASN A 207 18.56 -29.60 -17.65
C ASN A 207 18.08 -28.35 -18.37
N HIS A 208 18.39 -28.28 -19.66
CA HIS A 208 18.08 -27.12 -20.51
C HIS A 208 17.35 -27.62 -21.74
N LYS A 209 16.02 -27.74 -21.62
CA LYS A 209 15.18 -28.18 -22.73
C LYS A 209 15.46 -27.50 -24.07
N PRO A 210 15.61 -26.17 -24.17
CA PRO A 210 15.84 -25.58 -25.50
C PRO A 210 17.09 -26.09 -26.21
N SER A 211 18.16 -26.36 -25.48
CA SER A 211 19.39 -26.84 -26.10
C SER A 211 19.58 -28.35 -25.94
N ASN A 212 18.59 -29.04 -25.38
CA ASN A 212 18.66 -30.50 -25.18
C ASN A 212 19.97 -30.89 -24.50
N THR A 213 20.27 -30.20 -23.42
CA THR A 213 21.50 -30.39 -22.66
C THR A 213 21.14 -30.94 -21.30
N LYS A 214 21.62 -32.15 -21.02
CA LYS A 214 21.46 -32.77 -19.70
C LYS A 214 22.85 -33.00 -19.14
N VAL A 215 23.16 -32.32 -18.04
CA VAL A 215 24.47 -32.38 -17.43
C VAL A 215 24.31 -32.68 -15.94
N ASP A 216 25.06 -33.68 -15.46
CA ASP A 216 25.13 -34.00 -14.04
C ASP A 216 26.58 -33.77 -13.61
N LYS A 217 26.82 -32.71 -12.85
CA LYS A 217 28.16 -32.33 -12.41
C LYS A 217 28.35 -32.70 -10.95
N LYS A 218 29.43 -33.40 -10.64
CA LYS A 218 29.74 -33.77 -9.27
C LYS A 218 30.55 -32.67 -8.61
N VAL A 219 30.06 -32.17 -7.49
CA VAL A 219 30.75 -31.16 -6.70
C VAL A 219 31.48 -31.88 -5.60
N GLU A 220 32.79 -31.69 -5.53
CA GLU A 220 33.63 -32.34 -4.54
C GLU A 220 34.47 -31.26 -3.88
N PRO A 221 34.94 -31.49 -2.65
CA PRO A 221 35.86 -30.53 -2.05
C PRO A 221 37.16 -30.55 -2.84
N LYS A 222 37.80 -29.39 -2.92
CA LYS A 222 38.97 -29.36 -3.77
C LYS A 222 40.27 -29.47 -2.96
N ASP B 1 -10.89 -0.04 -20.99
CA ASP B 1 -10.56 -1.11 -20.07
C ASP B 1 -10.75 -0.67 -18.61
N ILE B 2 -11.23 -1.58 -17.77
CA ILE B 2 -11.33 -1.28 -16.34
C ILE B 2 -9.93 -1.47 -15.75
N GLN B 3 -9.41 -0.41 -15.12
CA GLN B 3 -8.04 -0.41 -14.64
C GLN B 3 -8.07 -0.63 -13.13
N MET B 4 -7.55 -1.78 -12.70
CA MET B 4 -7.56 -2.13 -11.30
C MET B 4 -6.23 -1.74 -10.66
N THR B 5 -6.31 -1.05 -9.53
CA THR B 5 -5.14 -0.55 -8.82
C THR B 5 -5.09 -1.22 -7.45
N GLN B 6 -3.95 -1.79 -7.12
CA GLN B 6 -3.78 -2.50 -5.87
C GLN B 6 -2.93 -1.69 -4.91
N SER B 7 -3.28 -1.75 -3.63
CA SER B 7 -2.51 -1.11 -2.59
C SER B 7 -2.47 -2.08 -1.42
N PRO B 8 -1.29 -2.34 -0.85
CA PRO B 8 0.00 -1.79 -1.28
C PRO B 8 0.63 -2.61 -2.41
N SER B 9 1.71 -2.10 -3.00
CA SER B 9 2.45 -2.91 -3.96
C SER B 9 3.16 -4.07 -3.28
N SER B 10 3.58 -3.88 -2.03
CA SER B 10 4.23 -4.92 -1.27
C SER B 10 4.08 -4.60 0.22
N LEU B 11 3.95 -5.65 1.02
CA LEU B 11 3.86 -5.48 2.46
C LEU B 11 4.63 -6.61 3.14
N SER B 12 5.09 -6.33 4.36
CA SER B 12 5.73 -7.32 5.21
C SER B 12 5.05 -7.27 6.57
N ALA B 13 4.68 -8.44 7.08
CA ALA B 13 4.02 -8.52 8.37
C ALA B 13 4.60 -9.69 9.16
N SER B 14 4.42 -9.62 10.48
CA SER B 14 4.90 -10.68 11.34
C SER B 14 4.00 -11.91 11.23
N VAL B 15 4.57 -13.07 11.54
CA VAL B 15 3.78 -14.29 11.50
C VAL B 15 2.62 -14.17 12.47
N GLY B 16 1.42 -14.46 12.00
CA GLY B 16 0.22 -14.33 12.80
C GLY B 16 -0.45 -12.98 12.73
N ASP B 17 0.18 -11.99 12.09
CA ASP B 17 -0.44 -10.69 11.95
C ASP B 17 -1.65 -10.76 11.04
N ARG B 18 -2.57 -9.81 11.24
CA ARG B 18 -3.70 -9.66 10.34
C ARG B 18 -3.28 -8.76 9.18
N VAL B 19 -3.59 -9.18 7.97
CA VAL B 19 -3.09 -8.54 6.76
C VAL B 19 -4.26 -8.22 5.86
N THR B 20 -4.30 -7.00 5.34
CA THR B 20 -5.41 -6.52 4.53
C THR B 20 -4.88 -5.87 3.25
N ILE B 21 -5.32 -6.39 2.10
CA ILE B 21 -5.01 -5.82 0.79
C ILE B 21 -6.30 -5.32 0.14
N THR B 22 -6.23 -4.13 -0.47
CA THR B 22 -7.37 -3.59 -1.20
C THR B 22 -7.10 -3.52 -2.70
N CYS B 23 -8.14 -3.76 -3.46
CA CYS B 23 -8.16 -3.49 -4.89
C CYS B 23 -9.15 -2.36 -5.15
N GLN B 24 -8.71 -1.37 -5.92
CA GLN B 24 -9.50 -0.19 -6.24
C GLN B 24 -9.86 -0.23 -7.71
N ALA B 25 -11.14 -0.36 -8.01
CA ALA B 25 -11.61 -0.37 -9.40
C ALA B 25 -11.83 1.05 -9.88
N SER B 26 -11.67 1.24 -11.19
CA SER B 26 -11.89 2.54 -11.81
C SER B 26 -13.36 2.80 -12.12
N GLN B 27 -14.26 1.89 -11.75
CA GLN B 27 -15.69 2.15 -11.78
C GLN B 27 -16.39 1.18 -10.83
N ASP B 28 -17.67 1.40 -10.61
CA ASP B 28 -18.48 0.54 -9.77
C ASP B 28 -18.74 -0.77 -10.50
N ILE B 29 -18.10 -1.84 -10.06
CA ILE B 29 -18.22 -3.14 -10.72
C ILE B 29 -18.98 -4.14 -9.84
N SER B 30 -19.76 -3.66 -8.87
CA SER B 30 -20.62 -4.49 -8.01
C SER B 30 -19.73 -5.52 -7.31
N ASN B 31 -20.06 -6.80 -7.33
CA ASN B 31 -19.28 -7.84 -6.68
C ASN B 31 -18.43 -8.64 -7.67
N TYR B 32 -18.09 -8.05 -8.82
CA TYR B 32 -17.46 -8.78 -9.92
C TYR B 32 -15.93 -8.69 -9.82
N LEU B 33 -15.38 -9.25 -8.73
CA LEU B 33 -13.95 -9.10 -8.47
C LEU B 33 -13.37 -10.30 -7.74
N ASN B 34 -12.55 -11.09 -8.43
CA ASN B 34 -11.95 -12.27 -7.83
C ASN B 34 -10.51 -12.01 -7.36
N TRP B 35 -10.02 -12.90 -6.49
CA TRP B 35 -8.72 -12.77 -5.85
C TRP B 35 -7.90 -14.04 -6.10
N TYR B 36 -6.63 -13.86 -6.45
CA TYR B 36 -5.74 -14.97 -6.80
C TYR B 36 -4.42 -14.89 -6.04
N GLN B 37 -3.85 -16.05 -5.73
CA GLN B 37 -2.54 -16.13 -5.10
C GLN B 37 -1.56 -16.81 -6.05
N GLN B 38 -0.34 -16.30 -6.13
CA GLN B 38 0.70 -16.94 -6.95
C GLN B 38 2.00 -17.01 -6.15
N LYS B 39 2.36 -18.24 -5.72
CA LYS B 39 3.62 -18.50 -5.05
C LYS B 39 4.75 -18.61 -6.07
N PRO B 40 5.99 -18.31 -5.66
CA PRO B 40 7.07 -18.19 -6.63
C PRO B 40 7.22 -19.43 -7.51
N GLY B 41 7.36 -19.21 -8.81
CA GLY B 41 7.54 -20.28 -9.77
C GLY B 41 6.36 -21.21 -9.93
N LYS B 42 5.22 -20.88 -9.33
CA LYS B 42 3.99 -21.65 -9.45
C LYS B 42 2.94 -20.84 -10.20
N ALA B 43 1.84 -21.51 -10.53
CA ALA B 43 0.71 -20.91 -11.21
C ALA B 43 -0.24 -20.27 -10.20
N PRO B 44 -1.15 -19.41 -10.67
CA PRO B 44 -2.10 -18.75 -9.76
C PRO B 44 -3.05 -19.71 -9.05
N LYS B 45 -3.54 -19.19 -7.92
CA LYS B 45 -4.38 -19.86 -6.92
C LYS B 45 -5.70 -19.12 -6.90
N LEU B 46 -6.80 -19.75 -7.30
CA LEU B 46 -8.07 -19.07 -7.09
C LEU B 46 -8.39 -19.10 -5.60
N LEU B 47 -8.50 -17.93 -4.99
CA LEU B 47 -8.73 -17.82 -3.57
C LEU B 47 -10.17 -17.39 -3.26
N ILE B 48 -10.58 -16.25 -3.79
CA ILE B 48 -11.89 -15.68 -3.52
C ILE B 48 -12.54 -15.34 -4.86
N TYR B 49 -13.78 -15.79 -5.06
CA TYR B 49 -14.52 -15.44 -6.26
C TYR B 49 -15.77 -14.65 -5.88
N ASP B 50 -16.33 -13.99 -6.89
CA ASP B 50 -17.24 -12.87 -6.67
C ASP B 50 -16.55 -11.94 -5.69
N ALA B 51 -17.22 -11.41 -4.68
CA ALA B 51 -16.50 -10.49 -3.81
C ALA B 51 -16.06 -11.11 -2.48
N SER B 52 -16.74 -12.16 -2.04
CA SER B 52 -16.47 -12.70 -0.72
C SER B 52 -16.54 -14.21 -0.66
N ASN B 53 -16.82 -14.90 -1.77
CA ASN B 53 -17.07 -16.33 -1.74
C ASN B 53 -15.74 -17.07 -1.70
N LEU B 54 -15.55 -17.90 -0.67
CA LEU B 54 -14.31 -18.62 -0.45
C LEU B 54 -14.35 -19.93 -1.24
N GLU B 55 -13.37 -20.13 -2.10
CA GLU B 55 -13.33 -21.32 -2.95
C GLU B 55 -13.12 -22.59 -2.12
N THR B 56 -13.57 -23.71 -2.68
CA THR B 56 -13.40 -25.00 -2.03
C THR B 56 -11.92 -25.28 -1.77
N GLY B 57 -11.61 -25.74 -0.57
CA GLY B 57 -10.25 -26.10 -0.21
C GLY B 57 -9.31 -24.93 -0.03
N VAL B 58 -9.81 -23.82 0.51
CA VAL B 58 -9.02 -22.62 0.77
C VAL B 58 -9.03 -22.35 2.27
N PRO B 59 -7.88 -22.08 2.88
CA PRO B 59 -7.84 -21.84 4.33
C PRO B 59 -8.80 -20.74 4.76
N SER B 60 -9.40 -20.93 5.94
CA SER B 60 -10.41 -20.00 6.44
C SER B 60 -9.83 -18.65 6.84
N ARG B 61 -8.52 -18.53 6.96
CA ARG B 61 -7.94 -17.22 7.25
C ARG B 61 -8.09 -16.25 6.09
N PHE B 62 -8.35 -16.75 4.88
CA PHE B 62 -8.56 -15.91 3.72
C PHE B 62 -10.03 -15.55 3.59
N SER B 63 -10.31 -14.27 3.39
CA SER B 63 -11.68 -13.80 3.24
C SER B 63 -11.66 -12.51 2.43
N GLY B 64 -12.65 -12.37 1.55
CA GLY B 64 -12.79 -11.15 0.78
C GLY B 64 -13.99 -10.33 1.22
N SER B 65 -13.98 -9.04 0.92
CA SER B 65 -15.12 -8.18 1.23
C SER B 65 -15.06 -6.97 0.32
N GLY B 66 -16.09 -6.13 0.44
CA GLY B 66 -16.22 -4.92 -0.35
C GLY B 66 -17.11 -5.10 -1.55
N SER B 67 -17.47 -3.96 -2.14
CA SER B 67 -18.23 -3.92 -3.39
C SER B 67 -18.16 -2.49 -3.90
N GLY B 68 -18.59 -2.31 -5.14
CA GLY B 68 -18.53 -1.01 -5.78
C GLY B 68 -17.17 -0.74 -6.40
N THR B 69 -16.31 -0.01 -5.68
CA THR B 69 -15.00 0.37 -6.20
C THR B 69 -13.84 -0.08 -5.32
N ASP B 70 -14.07 -0.33 -4.04
CA ASP B 70 -12.99 -0.70 -3.12
C ASP B 70 -13.28 -2.09 -2.59
N PHE B 71 -12.34 -3.00 -2.81
CA PHE B 71 -12.48 -4.40 -2.41
C PHE B 71 -11.31 -4.76 -1.51
N THR B 72 -11.59 -5.51 -0.45
CA THR B 72 -10.58 -5.89 0.51
C THR B 72 -10.39 -7.40 0.54
N PHE B 73 -9.13 -7.81 0.55
CA PHE B 73 -8.73 -9.20 0.76
C PHE B 73 -7.98 -9.27 2.08
N THR B 74 -8.35 -10.23 2.93
CA THR B 74 -7.88 -10.22 4.32
C THR B 74 -7.32 -11.58 4.69
N ILE B 75 -6.10 -11.58 5.22
CA ILE B 75 -5.51 -12.72 5.90
C ILE B 75 -5.65 -12.48 7.39
N SER B 76 -6.44 -13.33 8.06
CA SER B 76 -6.67 -13.14 9.50
C SER B 76 -5.41 -13.39 10.31
N SER B 77 -4.59 -14.36 9.89
CA SER B 77 -3.35 -14.68 10.58
C SER B 77 -2.33 -15.08 9.52
N LEU B 78 -1.29 -14.26 9.34
CA LEU B 78 -0.35 -14.48 8.26
C LEU B 78 0.58 -15.64 8.60
N GLN B 79 0.73 -16.58 7.66
CA GLN B 79 1.56 -17.75 7.84
C GLN B 79 2.72 -17.75 6.85
N PRO B 80 3.85 -18.36 7.21
CA PRO B 80 4.99 -18.39 6.29
C PRO B 80 4.69 -19.02 4.94
N GLU B 81 3.72 -19.94 4.86
CA GLU B 81 3.38 -20.52 3.57
C GLU B 81 2.46 -19.62 2.75
N ASP B 82 2.25 -18.39 3.19
CA ASP B 82 1.47 -17.41 2.46
C ASP B 82 2.34 -16.47 1.64
N ILE B 83 3.65 -16.66 1.66
CA ILE B 83 4.59 -15.88 0.88
C ILE B 83 4.27 -16.06 -0.61
N ALA B 84 3.63 -15.05 -1.20
CA ALA B 84 3.25 -15.10 -2.60
C ALA B 84 2.90 -13.70 -3.06
N THR B 85 2.50 -13.58 -4.33
CA THR B 85 1.97 -12.34 -4.88
C THR B 85 0.47 -12.53 -5.08
N TYR B 86 -0.31 -11.57 -4.60
CA TYR B 86 -1.77 -11.64 -4.66
C TYR B 86 -2.28 -10.68 -5.72
N TYR B 87 -3.22 -11.17 -6.54
CA TYR B 87 -3.75 -10.42 -7.67
C TYR B 87 -5.27 -10.32 -7.53
N CYS B 88 -5.80 -9.12 -7.73
CA CYS B 88 -7.23 -8.96 -7.93
C CYS B 88 -7.52 -8.93 -9.42
N GLN B 89 -8.73 -9.33 -9.78
CA GLN B 89 -9.14 -9.39 -11.18
C GLN B 89 -10.60 -8.96 -11.25
N GLN B 90 -10.93 -8.16 -12.27
CA GLN B 90 -12.30 -7.69 -12.44
C GLN B 90 -13.08 -8.63 -13.35
N ASP B 91 -14.37 -8.76 -13.05
CA ASP B 91 -15.25 -9.70 -13.71
C ASP B 91 -16.45 -9.02 -14.35
N ALA B 92 -16.42 -7.69 -14.48
CA ALA B 92 -17.54 -6.92 -15.01
C ALA B 92 -17.51 -6.73 -16.52
N GLY B 93 -16.35 -6.81 -17.16
CA GLY B 93 -16.31 -6.59 -18.59
C GLY B 93 -15.03 -7.07 -19.22
N THR B 94 -15.05 -7.13 -20.55
CA THR B 94 -13.87 -7.48 -21.32
C THR B 94 -13.14 -6.22 -21.79
N PRO B 95 -11.81 -6.22 -21.82
CA PRO B 95 -11.00 -7.37 -21.39
C PRO B 95 -10.99 -7.55 -19.88
N LEU B 96 -11.00 -8.81 -19.44
CA LEU B 96 -10.78 -9.08 -18.02
C LEU B 96 -9.38 -8.60 -17.66
N THR B 97 -9.28 -7.90 -16.54
CA THR B 97 -8.03 -7.23 -16.20
C THR B 97 -7.67 -7.51 -14.75
N PHE B 98 -6.37 -7.49 -14.47
CA PHE B 98 -5.82 -7.78 -13.16
C PHE B 98 -5.20 -6.54 -12.55
N GLY B 99 -5.16 -6.52 -11.22
CA GLY B 99 -4.29 -5.57 -10.54
C GLY B 99 -2.83 -5.91 -10.77
N GLN B 100 -1.96 -4.94 -10.51
CA GLN B 100 -0.54 -5.16 -10.77
C GLN B 100 0.08 -6.19 -9.85
N GLY B 101 -0.63 -6.61 -8.81
CA GLY B 101 -0.13 -7.59 -7.87
C GLY B 101 0.40 -6.95 -6.61
N THR B 102 0.30 -7.68 -5.50
CA THR B 102 0.85 -7.27 -4.22
C THR B 102 1.70 -8.39 -3.66
N LYS B 103 2.94 -8.07 -3.31
CA LYS B 103 3.92 -9.03 -2.82
C LYS B 103 3.92 -9.04 -1.30
N VAL B 104 3.57 -10.19 -0.72
CA VAL B 104 3.54 -10.35 0.73
C VAL B 104 4.85 -10.99 1.18
N GLU B 105 5.42 -10.45 2.26
CA GLU B 105 6.65 -10.96 2.86
C GLU B 105 6.44 -11.08 4.36
N ILE B 106 7.34 -11.80 5.02
CA ILE B 106 7.25 -12.03 6.45
C ILE B 106 8.26 -11.14 7.16
N LYS B 107 7.78 -10.34 8.11
CA LYS B 107 8.66 -9.59 9.00
C LYS B 107 9.05 -10.51 10.15
N ARG B 108 10.34 -10.79 10.28
CA ARG B 108 10.79 -11.77 11.27
C ARG B 108 12.00 -11.22 12.02
N THR B 109 12.50 -12.04 12.94
CA THR B 109 13.66 -11.65 13.73
C THR B 109 14.88 -11.49 12.84
N VAL B 110 15.69 -10.49 13.16
CA VAL B 110 16.90 -10.23 12.40
C VAL B 110 17.85 -11.42 12.46
N ALA B 111 18.37 -11.82 11.32
CA ALA B 111 19.28 -12.96 11.22
C ALA B 111 20.44 -12.58 10.32
N ALA B 112 21.66 -12.87 10.79
CA ALA B 112 22.83 -12.44 10.04
C ALA B 112 23.20 -13.47 8.98
N PRO B 113 23.63 -13.04 7.81
CA PRO B 113 23.93 -13.99 6.73
C PRO B 113 25.24 -14.72 6.99
N SER B 114 25.17 -16.05 6.97
CA SER B 114 26.39 -16.84 6.81
C SER B 114 26.97 -16.56 5.43
N VAL B 115 28.27 -16.32 5.38
CA VAL B 115 28.92 -15.80 4.18
C VAL B 115 29.96 -16.80 3.71
N PHE B 116 29.90 -17.16 2.43
CA PHE B 116 30.81 -18.13 1.83
C PHE B 116 31.38 -17.55 0.55
N ILE B 117 32.64 -17.87 0.27
CA ILE B 117 33.31 -17.40 -0.94
C ILE B 117 33.81 -18.60 -1.72
N PHE B 118 33.74 -18.51 -3.05
CA PHE B 118 34.11 -19.62 -3.93
C PHE B 118 35.01 -19.11 -5.04
N PRO B 119 36.16 -19.74 -5.26
CA PRO B 119 37.03 -19.34 -6.38
C PRO B 119 36.58 -20.00 -7.67
N PRO B 120 36.94 -19.43 -8.82
CA PRO B 120 36.60 -20.09 -10.09
C PRO B 120 37.18 -21.49 -10.17
N SER B 121 36.36 -22.41 -10.69
CA SER B 121 36.74 -23.80 -10.80
C SER B 121 37.81 -24.00 -11.88
N ASP B 122 38.62 -25.05 -11.71
CA ASP B 122 39.70 -25.32 -12.66
C ASP B 122 39.18 -25.74 -14.03
N GLU B 123 37.92 -26.15 -14.14
CA GLU B 123 37.34 -26.39 -15.46
C GLU B 123 37.02 -25.07 -16.15
N GLN B 124 36.60 -24.07 -15.38
CA GLN B 124 36.17 -22.80 -15.95
CA GLN B 124 36.16 -22.80 -15.95
C GLN B 124 37.34 -22.02 -16.56
N LEU B 125 38.51 -22.10 -15.92
CA LEU B 125 39.66 -21.33 -16.38
C LEU B 125 40.09 -21.71 -17.79
N LYS B 126 39.90 -22.98 -18.18
CA LYS B 126 40.22 -23.40 -19.54
C LYS B 126 39.40 -22.61 -20.56
N SER B 127 38.10 -22.44 -20.30
CA SER B 127 37.25 -21.72 -21.24
C SER B 127 37.62 -20.25 -21.39
N GLY B 128 38.51 -19.72 -20.54
CA GLY B 128 39.05 -18.39 -20.72
C GLY B 128 38.47 -17.30 -19.84
N THR B 129 37.51 -17.59 -18.97
CA THR B 129 36.95 -16.60 -18.06
C THR B 129 37.02 -17.12 -16.62
N ALA B 130 36.73 -16.22 -15.68
CA ALA B 130 36.71 -16.56 -14.26
C ALA B 130 35.59 -15.78 -13.59
N SER B 131 34.76 -16.48 -12.84
CA SER B 131 33.68 -15.87 -12.08
C SER B 131 33.97 -16.15 -10.61
N VAL B 132 33.99 -15.11 -9.76
CA VAL B 132 34.20 -15.28 -8.31
C VAL B 132 32.81 -15.30 -7.71
N VAL B 133 32.59 -16.10 -6.67
CA VAL B 133 31.25 -16.28 -6.16
C VAL B 133 31.19 -16.11 -4.65
N CYS B 134 30.49 -15.08 -4.19
CA CYS B 134 30.13 -14.88 -2.79
C CYS B 134 28.66 -15.23 -2.57
N LEU B 135 28.38 -15.93 -1.47
CA LEU B 135 27.02 -16.36 -1.12
C LEU B 135 26.66 -15.84 0.28
N LEU B 136 25.48 -15.25 0.39
CA LEU B 136 24.91 -14.81 1.66
C LEU B 136 23.71 -15.71 1.93
N ASN B 137 23.86 -16.65 2.86
CA ASN B 137 22.83 -17.66 3.07
C ASN B 137 21.98 -17.34 4.29
N ASN B 138 20.66 -17.38 4.11
CA ASN B 138 19.67 -17.37 5.18
C ASN B 138 19.81 -16.16 6.11
N PHE B 139 19.31 -15.01 5.68
CA PHE B 139 19.36 -13.78 6.47
C PHE B 139 18.07 -12.99 6.28
N TYR B 140 17.78 -12.14 7.28
CA TYR B 140 16.70 -11.17 7.23
C TYR B 140 17.19 -9.95 8.00
N PRO B 141 16.86 -8.72 7.57
CA PRO B 141 16.00 -8.33 6.44
C PRO B 141 16.61 -8.58 5.07
N ARG B 142 15.82 -8.26 4.04
CA ARG B 142 16.25 -8.48 2.67
C ARG B 142 17.54 -7.74 2.34
N GLU B 143 17.70 -6.52 2.87
CA GLU B 143 18.64 -5.59 2.31
C GLU B 143 20.00 -5.68 2.98
N ALA B 144 21.04 -5.66 2.16
CA ALA B 144 22.42 -5.79 2.59
C ALA B 144 23.31 -5.35 1.43
N LYS B 145 24.55 -4.99 1.74
CA LYS B 145 25.51 -4.57 0.74
C LYS B 145 26.62 -5.59 0.60
N VAL B 146 26.91 -5.99 -0.63
CA VAL B 146 28.07 -6.80 -0.96
C VAL B 146 29.11 -5.92 -1.64
N GLN B 147 30.37 -6.10 -1.25
CA GLN B 147 31.48 -5.31 -1.75
C GLN B 147 32.57 -6.24 -2.24
N TRP B 148 33.02 -6.04 -3.47
CA TRP B 148 34.06 -6.88 -4.05
C TRP B 148 35.41 -6.20 -3.90
N LYS B 149 36.42 -7.00 -3.56
CA LYS B 149 37.74 -6.51 -3.16
C LYS B 149 38.83 -7.26 -3.94
N VAL B 150 39.35 -6.64 -5.00
CA VAL B 150 40.45 -7.20 -5.76
C VAL B 150 41.72 -6.48 -5.29
N ASP B 151 42.52 -7.17 -4.48
CA ASP B 151 43.71 -6.58 -3.86
C ASP B 151 43.36 -5.27 -3.16
N ASN B 152 42.33 -5.32 -2.31
CA ASN B 152 41.79 -4.20 -1.54
C ASN B 152 41.17 -3.13 -2.43
N ALA B 153 41.11 -3.35 -3.75
CA ALA B 153 40.57 -2.37 -4.69
C ALA B 153 39.09 -2.62 -4.96
N LEU B 154 38.31 -1.55 -4.92
CA LEU B 154 36.86 -1.62 -5.13
C LEU B 154 36.52 -1.87 -6.59
N GLN B 155 35.91 -3.02 -6.86
CA GLN B 155 35.36 -3.28 -8.18
C GLN B 155 33.93 -2.75 -8.25
N SER B 156 33.46 -2.52 -9.47
CA SER B 156 32.09 -2.12 -9.74
C SER B 156 31.85 -2.04 -11.25
N GLY B 157 30.62 -2.25 -11.67
CA GLY B 157 30.31 -2.32 -13.09
C GLY B 157 30.74 -3.62 -13.73
N ASN B 158 30.97 -4.66 -12.93
CA ASN B 158 31.46 -5.92 -13.45
C ASN B 158 31.02 -7.11 -12.59
N SER B 159 30.06 -6.93 -11.68
CA SER B 159 29.58 -7.98 -10.80
C SER B 159 28.07 -7.91 -10.72
N GLN B 160 27.42 -9.08 -10.74
CA GLN B 160 25.97 -9.19 -10.73
C GLN B 160 25.47 -9.97 -9.52
N GLU B 161 24.35 -9.52 -8.97
CA GLU B 161 23.66 -10.15 -7.84
C GLU B 161 22.41 -10.89 -8.29
N SER B 162 21.97 -11.84 -7.47
CA SER B 162 20.65 -12.44 -7.61
C SER B 162 20.16 -12.86 -6.24
N VAL B 163 18.86 -12.71 -6.00
CA VAL B 163 18.26 -12.95 -4.69
C VAL B 163 17.12 -13.94 -4.83
N THR B 164 17.02 -14.86 -3.87
CA THR B 164 15.93 -15.81 -3.85
C THR B 164 14.69 -15.18 -3.22
N GLU B 165 13.54 -15.79 -3.46
CA GLU B 165 12.35 -15.37 -2.76
C GLU B 165 12.39 -15.89 -1.34
N GLN B 166 11.79 -15.13 -0.42
CA GLN B 166 11.78 -15.47 1.00
C GLN B 166 11.36 -16.92 1.21
N ASP B 167 12.21 -17.69 1.90
CA ASP B 167 11.91 -19.09 2.16
C ASP B 167 10.63 -19.20 2.97
N SER B 168 9.74 -20.10 2.55
CA SER B 168 8.47 -20.30 3.23
C SER B 168 8.62 -20.96 4.60
N LYS B 169 9.85 -21.29 5.01
CA LYS B 169 10.07 -21.97 6.28
C LYS B 169 10.59 -21.01 7.34
N ASP B 170 11.85 -20.57 7.20
CA ASP B 170 12.47 -19.69 8.19
C ASP B 170 12.34 -18.21 7.82
N SER B 171 11.61 -17.90 6.75
CA SER B 171 11.34 -16.51 6.35
C SER B 171 12.64 -15.74 6.10
N THR B 172 13.61 -16.39 5.47
CA THR B 172 14.90 -15.77 5.21
C THR B 172 15.12 -15.61 3.72
N TYR B 173 16.22 -14.95 3.38
CA TYR B 173 16.62 -14.70 2.02
C TYR B 173 18.01 -15.28 1.80
N SER B 174 18.38 -15.45 0.54
CA SER B 174 19.74 -15.81 0.19
C SER B 174 20.18 -14.98 -1.01
N LEU B 175 21.49 -14.80 -1.11
CA LEU B 175 22.04 -13.88 -2.08
C LEU B 175 23.27 -14.48 -2.73
N SER B 176 23.31 -14.50 -4.07
CA SER B 176 24.47 -14.94 -4.82
C SER B 176 25.01 -13.75 -5.59
N SER B 177 26.29 -13.43 -5.36
CA SER B 177 26.99 -12.41 -6.13
C SER B 177 28.03 -13.09 -6.99
N THR B 178 28.07 -12.73 -8.27
CA THR B 178 28.98 -13.35 -9.22
C THR B 178 29.74 -12.23 -9.93
N LEU B 179 30.99 -12.03 -9.52
CA LEU B 179 31.88 -11.08 -10.18
C LEU B 179 32.68 -11.82 -11.24
N THR B 180 32.48 -11.46 -12.50
CA THR B 180 33.10 -12.12 -13.63
C THR B 180 34.23 -11.28 -14.20
N LEU B 181 35.31 -11.95 -14.60
CA LEU B 181 36.41 -11.30 -15.29
C LEU B 181 37.10 -12.35 -16.16
N SER B 182 37.91 -11.87 -17.11
CA SER B 182 38.60 -12.79 -18.00
C SER B 182 39.73 -13.51 -17.27
N LYS B 183 40.07 -14.70 -17.78
CA LYS B 183 41.13 -15.52 -17.20
C LYS B 183 42.41 -14.71 -17.03
N ALA B 184 42.71 -13.83 -17.99
CA ALA B 184 43.94 -13.04 -17.92
C ALA B 184 43.99 -12.19 -16.66
N ASP B 185 42.95 -11.37 -16.43
CA ASP B 185 42.92 -10.50 -15.26
C ASP B 185 42.82 -11.25 -13.95
N TYR B 186 42.37 -12.51 -13.98
CA TYR B 186 42.30 -13.32 -12.76
C TYR B 186 43.70 -13.60 -12.21
N GLU B 187 44.64 -13.98 -13.09
CA GLU B 187 45.96 -14.39 -12.64
C GLU B 187 46.79 -13.19 -12.16
N LYS B 188 46.67 -12.05 -12.85
CA LYS B 188 47.50 -10.90 -12.55
C LYS B 188 47.35 -10.45 -11.10
N HIS B 189 46.15 -10.58 -10.53
CA HIS B 189 45.84 -10.17 -9.17
C HIS B 189 45.82 -11.41 -8.26
N LYS B 190 45.71 -11.18 -6.94
CA LYS B 190 46.02 -12.23 -5.98
C LYS B 190 45.01 -12.35 -4.85
N VAL B 191 44.67 -11.25 -4.17
CA VAL B 191 43.83 -11.30 -2.97
C VAL B 191 42.40 -10.94 -3.35
N TYR B 192 41.48 -11.90 -3.18
CA TYR B 192 40.07 -11.72 -3.49
C TYR B 192 39.24 -11.94 -2.24
N ALA B 193 38.20 -11.13 -2.08
CA ALA B 193 37.37 -11.17 -0.88
C ALA B 193 36.10 -10.38 -1.12
N CYS B 194 35.04 -10.75 -0.41
CA CYS B 194 33.79 -9.99 -0.39
CA CYS B 194 33.79 -9.99 -0.39
C CYS B 194 33.54 -9.48 1.01
N GLU B 195 33.20 -8.20 1.12
CA GLU B 195 32.88 -7.57 2.40
C GLU B 195 31.38 -7.26 2.42
N VAL B 196 30.68 -7.83 3.40
CA VAL B 196 29.22 -7.81 3.45
C VAL B 196 28.76 -7.07 4.70
N THR B 197 27.92 -6.08 4.50
CA THR B 197 27.35 -5.31 5.62
C THR B 197 25.87 -5.64 5.74
N HIS B 198 25.45 -5.94 6.97
CA HIS B 198 24.08 -6.32 7.26
C HIS B 198 23.75 -5.83 8.65
N GLN B 199 22.47 -5.50 8.87
CA GLN B 199 22.03 -5.02 10.18
C GLN B 199 22.32 -6.06 11.26
N GLY B 200 22.23 -7.34 10.94
CA GLY B 200 22.49 -8.40 11.88
C GLY B 200 23.96 -8.64 12.18
N LEU B 201 24.83 -7.78 11.67
CA LEU B 201 26.26 -7.89 11.90
C LEU B 201 26.72 -6.78 12.84
N SER B 202 27.66 -7.12 13.72
CA SER B 202 28.34 -6.11 14.53
C SER B 202 29.12 -5.14 13.65
N SER B 203 30.01 -5.68 12.83
CA SER B 203 30.90 -4.91 11.98
C SER B 203 31.03 -5.63 10.66
N PRO B 204 31.26 -4.90 9.55
CA PRO B 204 31.30 -5.53 8.21
C PRO B 204 32.21 -6.73 8.15
N VAL B 205 31.63 -7.87 7.79
CA VAL B 205 32.32 -9.16 7.75
C VAL B 205 32.94 -9.37 6.37
N THR B 206 34.13 -9.97 6.35
CA THR B 206 34.86 -10.25 5.12
C THR B 206 35.19 -11.73 5.05
N LYS B 207 34.86 -12.35 3.92
CA LYS B 207 35.31 -13.69 3.58
C LYS B 207 36.37 -13.59 2.49
N SER B 208 37.40 -14.44 2.57
CA SER B 208 38.59 -14.28 1.75
C SER B 208 39.05 -15.64 1.23
N PHE B 209 39.84 -15.58 0.15
CA PHE B 209 40.55 -16.76 -0.34
C PHE B 209 41.83 -16.30 -1.02
N ASN B 210 42.75 -17.24 -1.18
CA ASN B 210 44.03 -16.98 -1.79
C ASN B 210 44.04 -17.55 -3.20
N ARG B 211 44.29 -16.69 -4.20
CA ARG B 211 44.28 -17.13 -5.59
C ARG B 211 45.29 -18.25 -5.78
N GLY B 212 44.79 -19.46 -6.05
CA GLY B 212 45.64 -20.62 -6.08
C GLY B 212 45.75 -21.35 -4.76
N GLU B 213 44.72 -21.30 -3.93
CA GLU B 213 44.70 -21.94 -2.61
C GLU B 213 45.90 -21.54 -1.77
N GLU C 1 -2.55 35.95 9.98
CA GLU C 1 -2.28 34.54 9.77
C GLU C 1 -2.26 33.78 11.09
N VAL C 2 -2.65 32.51 11.04
CA VAL C 2 -2.69 31.68 12.24
C VAL C 2 -1.27 31.27 12.61
N GLN C 3 -0.98 31.29 13.91
CA GLN C 3 0.37 31.05 14.40
C GLN C 3 0.31 30.26 15.70
N LEU C 4 1.18 29.26 15.81
CA LEU C 4 1.39 28.51 17.05
C LEU C 4 2.87 28.57 17.40
N VAL C 5 3.18 29.12 18.57
CA VAL C 5 4.56 29.30 19.01
C VAL C 5 4.70 28.65 20.38
N GLU C 6 5.61 27.69 20.49
CA GLU C 6 5.79 26.90 21.70
C GLU C 6 7.08 27.29 22.41
N SER C 7 7.11 26.97 23.71
CA SER C 7 8.21 27.40 24.57
C SER C 7 8.25 26.51 25.79
N GLY C 8 9.43 26.41 26.39
CA GLY C 8 9.66 25.61 27.58
C GLY C 8 10.63 24.47 27.39
N GLY C 9 10.93 24.10 26.14
CA GLY C 9 11.83 22.99 25.90
C GLY C 9 13.23 23.19 26.44
N GLY C 10 13.72 22.20 27.16
CA GLY C 10 15.04 22.24 27.72
C GLY C 10 15.50 20.87 28.15
N LEU C 11 16.54 20.84 28.98
CA LEU C 11 17.07 19.62 29.55
C LEU C 11 16.53 19.48 30.97
N VAL C 12 16.06 18.28 31.31
CA VAL C 12 15.49 18.03 32.63
C VAL C 12 15.99 16.72 33.19
N GLN C 13 16.04 16.65 34.51
CA GLN C 13 16.41 15.44 35.21
C GLN C 13 15.29 14.42 35.13
N PRO C 14 15.62 13.13 35.08
CA PRO C 14 14.61 12.11 35.30
C PRO C 14 13.89 12.37 36.62
N GLY C 15 12.57 12.19 36.61
CA GLY C 15 11.75 12.54 37.75
C GLY C 15 11.48 14.02 37.91
N GLY C 16 12.10 14.86 37.08
CA GLY C 16 11.87 16.29 37.16
C GLY C 16 10.54 16.69 36.57
N SER C 17 10.37 18.01 36.42
CA SER C 17 9.13 18.58 35.90
C SER C 17 9.46 19.69 34.90
N LEU C 18 8.43 20.08 34.15
CA LEU C 18 8.56 21.07 33.08
C LEU C 18 7.17 21.44 32.61
N ARG C 19 7.00 22.70 32.23
CA ARG C 19 5.72 23.22 31.74
C ARG C 19 5.92 23.84 30.35
N LEU C 20 5.35 23.20 29.33
CA LEU C 20 5.34 23.74 27.98
C LEU C 20 4.24 24.78 27.82
N SER C 21 4.52 25.79 27.01
CA SER C 21 3.55 26.82 26.68
C SER C 21 3.43 26.93 25.16
N CYS C 22 2.21 27.15 24.68
CA CYS C 22 1.95 27.34 23.25
C CYS C 22 1.11 28.60 23.10
N ALA C 23 1.71 29.63 22.50
CA ALA C 23 1.03 30.90 22.28
C ALA C 23 0.34 30.90 20.93
N ALA C 24 -0.95 31.23 20.92
CA ALA C 24 -1.77 31.20 19.72
C ALA C 24 -2.07 32.62 19.25
N SER C 25 -2.08 32.80 17.94
CA SER C 25 -2.38 34.10 17.35
C SER C 25 -3.04 33.90 15.99
N GLY C 26 -3.92 34.83 15.63
CA GLY C 26 -4.55 34.84 14.33
C GLY C 26 -5.93 34.23 14.25
N PHE C 27 -6.42 33.62 15.34
CA PHE C 27 -7.75 33.02 15.31
C PHE C 27 -8.35 33.06 16.71
N THR C 28 -9.62 32.68 16.79
CA THR C 28 -10.36 32.65 18.05
C THR C 28 -9.98 31.39 18.83
N PHE C 29 -8.90 31.50 19.60
CA PHE C 29 -8.38 30.38 20.40
C PHE C 29 -9.47 29.64 21.16
N SER C 30 -10.42 30.39 21.75
CA SER C 30 -11.41 29.81 22.66
C SER C 30 -12.37 28.82 22.03
N SER C 31 -12.34 28.66 20.70
CA SER C 31 -13.30 27.80 20.02
C SER C 31 -12.65 26.63 19.28
N TYR C 32 -11.38 26.33 19.55
CA TYR C 32 -10.68 25.26 18.86
C TYR C 32 -10.11 24.28 19.86
N ALA C 33 -10.32 23.00 19.60
CA ALA C 33 -9.59 21.96 20.32
C ALA C 33 -8.11 22.04 20.00
N MET C 34 -7.28 21.86 21.03
CA MET C 34 -5.84 21.88 20.90
C MET C 34 -5.28 20.53 21.32
N SER C 35 -4.11 20.20 20.78
CA SER C 35 -3.47 18.93 21.08
C SER C 35 -1.97 19.13 21.19
N TRP C 36 -1.33 18.20 21.90
CA TRP C 36 0.12 18.12 21.97
C TRP C 36 0.54 16.84 21.27
N VAL C 37 1.56 16.93 20.43
CA VAL C 37 2.05 15.80 19.66
C VAL C 37 3.57 15.82 19.75
N ARG C 38 4.16 14.70 20.15
CA ARG C 38 5.61 14.65 20.32
C ARG C 38 6.24 13.77 19.25
N GLN C 39 7.54 13.96 19.08
CA GLN C 39 8.33 13.20 18.10
C GLN C 39 9.71 13.00 18.69
N ALA C 40 10.03 11.78 19.10
CA ALA C 40 11.39 11.49 19.50
C ALA C 40 12.32 11.63 18.29
N PRO C 41 13.57 12.00 18.51
CA PRO C 41 14.45 12.32 17.37
C PRO C 41 14.65 11.14 16.45
N GLY C 42 14.18 11.28 15.21
CA GLY C 42 14.26 10.24 14.21
C GLY C 42 13.17 9.19 14.25
N LYS C 43 12.10 9.40 15.00
CA LYS C 43 10.97 8.49 15.00
C LYS C 43 9.76 9.18 14.39
N GLY C 44 8.65 8.46 14.35
CA GLY C 44 7.40 9.02 13.87
C GLY C 44 6.78 9.94 14.90
N LEU C 45 5.47 10.15 14.75
CA LEU C 45 4.73 11.05 15.61
C LEU C 45 3.87 10.25 16.59
N GLU C 46 3.61 10.85 17.74
CA GLU C 46 2.78 10.24 18.78
C GLU C 46 1.90 11.32 19.38
N TRP C 47 0.59 11.22 19.16
CA TRP C 47 -0.36 12.09 19.84
C TRP C 47 -0.23 11.92 21.36
N VAL C 48 -0.35 13.03 22.08
CA VAL C 48 -0.12 13.05 23.52
C VAL C 48 -1.39 13.37 24.28
N SER C 49 -2.06 14.47 23.94
CA SER C 49 -3.21 14.91 24.72
C SER C 49 -4.04 15.87 23.88
N LEU C 50 -5.31 16.01 24.26
CA LEU C 50 -6.22 16.91 23.58
C LEU C 50 -7.09 17.63 24.62
N ILE C 51 -7.34 18.91 24.39
CA ILE C 51 -8.24 19.70 25.23
C ILE C 51 -9.26 20.39 24.34
N SER C 52 -10.51 20.44 24.81
CA SER C 52 -11.56 21.13 24.07
C SER C 52 -11.40 22.65 24.20
N GLY C 53 -12.20 23.36 23.41
CA GLY C 53 -12.14 24.81 23.37
C GLY C 53 -12.35 25.47 24.72
N SER C 54 -13.49 25.18 25.35
CA SER C 54 -13.75 25.69 26.69
C SER C 54 -12.74 25.17 27.70
N GLY C 55 -12.09 24.05 27.43
CA GLY C 55 -11.23 23.40 28.38
C GLY C 55 -11.91 22.35 29.24
N GLY C 56 -13.21 22.11 29.03
CA GLY C 56 -13.95 21.21 29.89
C GLY C 56 -13.55 19.75 29.71
N SER C 57 -13.13 19.37 28.51
CA SER C 57 -12.80 17.98 28.21
C SER C 57 -11.32 17.85 27.91
N THR C 58 -10.68 16.87 28.55
CA THR C 58 -9.28 16.56 28.30
C THR C 58 -9.13 15.06 28.08
N TYR C 59 -8.22 14.69 27.19
CA TYR C 59 -7.96 13.31 26.82
C TYR C 59 -6.46 13.10 26.74
N TYR C 60 -5.98 11.93 27.19
CA TYR C 60 -4.56 11.66 27.22
C TYR C 60 -4.25 10.32 26.56
N ALA C 61 -3.01 10.21 26.08
CA ALA C 61 -2.48 8.92 25.67
C ALA C 61 -2.08 8.12 26.89
N ASP C 62 -2.16 6.80 26.77
CA ASP C 62 -1.90 5.94 27.93
C ASP C 62 -0.52 6.19 28.51
N SER C 63 0.47 6.46 27.65
CA SER C 63 1.86 6.60 28.09
C SER C 63 2.11 7.85 28.92
N VAL C 64 1.16 8.78 29.01
CA VAL C 64 1.35 10.02 29.76
C VAL C 64 0.21 10.32 30.71
N LYS C 65 -0.82 9.48 30.78
CA LYS C 65 -1.92 9.68 31.72
C LYS C 65 -1.41 9.88 33.14
N GLY C 66 -1.97 10.88 33.82
CA GLY C 66 -1.69 11.16 35.21
C GLY C 66 -0.35 11.79 35.52
N ARG C 67 0.60 11.72 34.59
CA ARG C 67 1.84 12.48 34.73
C ARG C 67 1.75 13.84 34.05
N PHE C 68 1.17 13.87 32.85
CA PHE C 68 1.06 15.08 32.06
C PHE C 68 -0.34 15.67 32.26
N THR C 69 -0.43 16.99 32.12
CA THR C 69 -1.71 17.67 32.26
C THR C 69 -1.80 18.78 31.21
N ILE C 70 -2.82 18.69 30.36
CA ILE C 70 -3.10 19.72 29.36
C ILE C 70 -3.98 20.78 30.00
N SER C 71 -3.77 22.02 29.59
CA SER C 71 -4.54 23.13 30.14
C SER C 71 -4.41 24.33 29.21
N ARG C 72 -5.31 25.30 29.39
CA ARG C 72 -5.35 26.47 28.55
C ARG C 72 -5.85 27.66 29.35
N ASP C 73 -5.36 28.84 28.98
CA ASP C 73 -5.95 30.11 29.41
C ASP C 73 -6.49 30.78 28.16
N ASN C 74 -7.80 30.63 27.91
CA ASN C 74 -8.41 31.29 26.77
C ASN C 74 -8.31 32.81 26.86
N SER C 75 -8.05 33.35 28.05
CA SER C 75 -7.77 34.77 28.19
C SER C 75 -6.43 35.14 27.56
N LYS C 76 -5.36 34.44 27.95
CA LYS C 76 -4.03 34.70 27.43
C LYS C 76 -3.76 34.01 26.09
N ASN C 77 -4.75 33.33 25.53
CA ASN C 77 -4.59 32.58 24.27
C ASN C 77 -3.39 31.64 24.34
N THR C 78 -3.24 30.94 25.47
CA THR C 78 -2.09 30.09 25.72
C THR C 78 -2.52 28.67 26.02
N LEU C 79 -1.80 27.71 25.45
CA LEU C 79 -1.96 26.30 25.76
C LEU C 79 -0.77 25.82 26.56
N TYR C 80 -1.02 24.95 27.54
CA TYR C 80 0.02 24.46 28.42
C TYR C 80 0.09 22.94 28.39
N LEU C 81 1.28 22.42 28.62
CA LEU C 81 1.48 21.00 28.91
C LEU C 81 2.36 20.90 30.15
N GLN C 82 1.78 20.41 31.24
CA GLN C 82 2.50 20.24 32.49
C GLN C 82 2.94 18.80 32.61
N MET C 83 4.25 18.57 32.62
CA MET C 83 4.82 17.23 32.58
C MET C 83 5.61 16.99 33.86
N ASN C 84 5.20 15.96 34.61
CA ASN C 84 5.89 15.55 35.82
C ASN C 84 6.34 14.10 35.70
N SER C 85 7.34 13.74 36.51
CA SER C 85 7.94 12.40 36.48
C SER C 85 8.45 12.06 35.08
N LEU C 86 9.15 13.02 34.47
CA LEU C 86 9.70 12.82 33.14
C LEU C 86 10.70 11.66 33.13
N ARG C 87 10.73 10.93 32.02
CA ARG C 87 11.61 9.80 31.83
C ARG C 87 12.35 9.96 30.50
N ALA C 88 13.38 9.12 30.32
CA ALA C 88 14.17 9.16 29.09
C ALA C 88 13.29 8.97 27.86
N GLU C 89 12.14 8.32 28.01
CA GLU C 89 11.28 8.05 26.86
C GLU C 89 10.46 9.28 26.47
N ASP C 90 10.31 10.24 27.37
CA ASP C 90 9.63 11.49 27.04
C ASP C 90 10.53 12.43 26.25
N THR C 91 11.78 12.06 26.01
CA THR C 91 12.70 12.86 25.21
C THR C 91 12.15 12.96 23.78
N ALA C 92 11.67 14.14 23.41
CA ALA C 92 11.06 14.33 22.10
C ALA C 92 10.93 15.83 21.83
N VAL C 93 10.70 16.15 20.56
CA VAL C 93 10.24 17.48 20.19
C VAL C 93 8.72 17.48 20.32
N TYR C 94 8.17 18.54 20.91
CA TYR C 94 6.75 18.61 21.22
C TYR C 94 6.11 19.71 20.38
N TYR C 95 5.00 19.37 19.72
CA TYR C 95 4.22 20.31 18.93
C TYR C 95 2.84 20.51 19.56
N CYS C 96 2.34 21.75 19.52
CA CYS C 96 0.93 22.01 19.72
C CYS C 96 0.25 22.13 18.37
N ALA C 97 -0.93 21.51 18.25
CA ALA C 97 -1.65 21.44 16.99
C ALA C 97 -3.12 21.80 17.19
N ARG C 98 -3.66 22.56 16.25
CA ARG C 98 -5.05 22.98 16.29
C ARG C 98 -5.95 21.97 15.58
N ASP C 99 -7.18 21.83 16.10
CA ASP C 99 -8.18 21.01 15.44
C ASP C 99 -8.68 21.70 14.17
N LEU C 100 -8.90 20.89 13.12
CA LEU C 100 -9.29 21.43 11.83
C LEU C 100 -10.57 22.27 11.93
N TRP C 101 -11.57 21.75 12.63
CA TRP C 101 -12.81 22.48 12.83
C TRP C 101 -12.96 23.07 14.21
N GLY C 102 -12.22 22.53 15.20
CA GLY C 102 -12.29 22.99 16.56
C GLY C 102 -13.18 22.16 17.45
N SER C 103 -14.06 21.36 16.85
CA SER C 103 -14.97 20.54 17.63
C SER C 103 -14.22 19.51 18.45
N GLY C 104 -13.21 18.89 17.86
CA GLY C 104 -12.41 17.91 18.56
C GLY C 104 -12.16 16.68 17.72
N PHE C 105 -10.96 16.11 17.85
CA PHE C 105 -10.62 14.85 17.18
C PHE C 105 -10.81 14.92 15.67
N PHE C 106 -10.42 16.03 15.07
CA PHE C 106 -10.30 16.16 13.63
C PHE C 106 -8.83 16.29 13.27
N ALA C 107 -8.56 16.50 11.99
CA ALA C 107 -7.18 16.65 11.54
C ALA C 107 -6.53 17.85 12.21
N PHE C 108 -5.22 17.76 12.40
CA PHE C 108 -4.43 18.87 12.92
C PHE C 108 -4.03 19.75 11.73
N ASP C 109 -4.75 20.87 11.56
CA ASP C 109 -4.53 21.70 10.39
C ASP C 109 -3.39 22.72 10.57
N VAL C 110 -2.99 22.99 11.80
CA VAL C 110 -1.95 23.99 12.07
C VAL C 110 -1.03 23.45 13.16
N TRP C 111 0.28 23.57 12.95
CA TRP C 111 1.27 23.11 13.90
C TRP C 111 2.25 24.24 14.19
N GLY C 112 2.76 24.26 15.42
CA GLY C 112 3.83 25.16 15.77
C GLY C 112 5.16 24.70 15.23
N GLN C 113 6.22 25.40 15.63
CA GLN C 113 7.56 25.01 15.19
C GLN C 113 8.13 23.86 16.00
N GLY C 114 7.60 23.62 17.20
CA GLY C 114 8.13 22.59 18.07
C GLY C 114 9.02 23.18 19.16
N THR C 115 9.21 22.39 20.21
CA THR C 115 10.22 22.66 21.22
C THR C 115 10.79 21.34 21.71
N LEU C 116 12.10 21.31 21.94
CA LEU C 116 12.82 20.09 22.21
C LEU C 116 12.98 19.89 23.72
N VAL C 117 12.55 18.72 24.20
CA VAL C 117 12.64 18.36 25.60
C VAL C 117 13.58 17.17 25.68
N THR C 118 14.77 17.38 26.26
CA THR C 118 15.71 16.30 26.49
C THR C 118 15.67 15.92 27.97
N VAL C 119 15.52 14.63 28.23
CA VAL C 119 15.51 14.11 29.59
C VAL C 119 16.77 13.26 29.74
N SER C 120 17.75 13.78 30.48
CA SER C 120 18.99 13.06 30.70
C SER C 120 19.58 13.50 32.03
N SER C 121 20.29 12.57 32.67
CA SER C 121 21.01 12.89 33.90
C SER C 121 22.34 13.59 33.62
N ALA C 122 22.76 13.66 32.35
CA ALA C 122 23.99 14.34 31.99
C ALA C 122 23.83 15.86 32.13
N SER C 123 24.97 16.55 32.17
CA SER C 123 25.00 17.98 32.45
C SER C 123 25.17 18.80 31.17
N THR C 124 24.67 20.03 31.21
CA THR C 124 24.81 20.97 30.10
C THR C 124 26.29 21.26 29.84
N LYS C 125 26.65 21.34 28.55
CA LYS C 125 27.99 21.73 28.15
C LYS C 125 27.92 22.58 26.89
N GLY C 126 28.52 23.77 26.95
CA GLY C 126 28.66 24.60 25.77
C GLY C 126 29.74 24.06 24.87
N PRO C 127 29.58 24.24 23.57
CA PRO C 127 30.51 23.62 22.62
C PRO C 127 31.81 24.37 22.48
N SER C 128 32.55 24.03 21.43
CA SER C 128 33.73 24.76 21.01
C SER C 128 33.69 24.86 19.49
N VAL C 129 34.04 26.04 18.97
CA VAL C 129 33.86 26.35 17.55
C VAL C 129 35.24 26.45 16.92
N PHE C 130 35.58 25.44 16.12
CA PHE C 130 36.88 25.35 15.48
C PHE C 130 36.72 25.55 13.98
N PRO C 131 37.46 26.47 13.38
CA PRO C 131 37.25 26.78 11.97
C PRO C 131 37.87 25.74 11.05
N LEU C 132 37.18 25.52 9.94
CA LEU C 132 37.65 24.60 8.90
C LEU C 132 37.99 25.45 7.67
N ALA C 133 39.29 25.65 7.44
CA ALA C 133 39.96 26.54 6.50
C ALA C 133 40.33 25.81 5.21
N PRO C 134 40.22 26.48 4.07
CA PRO C 134 40.71 25.88 2.82
C PRO C 134 42.21 26.09 2.64
N SER C 135 42.85 25.11 2.02
CA SER C 135 44.30 25.18 1.77
C SER C 135 44.61 26.05 0.57
N SER C 140 39.87 23.44 -4.90
CA SER C 140 39.39 22.24 -5.57
C SER C 140 38.57 22.58 -6.82
N GLY C 141 39.23 23.16 -7.81
CA GLY C 141 38.59 23.48 -9.08
C GLY C 141 38.12 24.93 -9.11
N GLY C 142 36.86 25.13 -9.49
CA GLY C 142 36.29 26.46 -9.51
C GLY C 142 35.80 26.90 -8.14
N THR C 143 35.31 25.95 -7.35
CA THR C 143 34.78 26.21 -6.02
C THR C 143 35.70 25.68 -4.93
N ALA C 144 35.68 26.35 -3.79
CA ALA C 144 36.44 25.99 -2.60
C ALA C 144 35.48 25.79 -1.44
N ALA C 145 35.85 24.93 -0.50
CA ALA C 145 35.02 24.68 0.66
C ALA C 145 35.64 25.25 1.93
N LEU C 146 34.77 25.65 2.84
CA LEU C 146 35.15 26.06 4.19
C LEU C 146 33.94 25.87 5.08
N GLY C 147 34.19 25.74 6.37
CA GLY C 147 33.13 25.36 7.27
C GLY C 147 33.47 25.61 8.72
N CYS C 148 32.59 25.15 9.60
CA CYS C 148 32.76 25.36 11.03
C CYS C 148 32.40 24.11 11.79
N LEU C 149 33.24 23.79 12.78
CA LEU C 149 33.15 22.56 13.55
C LEU C 149 32.66 22.89 14.95
N VAL C 150 31.43 22.49 15.28
CA VAL C 150 30.84 22.69 16.60
C VAL C 150 31.01 21.38 17.36
N LYS C 151 31.83 21.41 18.40
CA LYS C 151 32.33 20.18 19.01
C LYS C 151 32.06 20.21 20.52
N ASP C 152 31.67 19.05 21.07
CA ASP C 152 31.55 18.82 22.51
C ASP C 152 30.51 19.74 23.16
N TYR C 153 29.24 19.42 22.89
CA TYR C 153 28.14 20.13 23.53
C TYR C 153 27.04 19.14 23.91
N PHE C 154 26.14 19.61 24.80
CA PHE C 154 24.98 18.87 25.26
C PHE C 154 24.03 19.83 25.99
N PRO C 155 22.72 19.75 25.75
CA PRO C 155 22.11 18.81 24.82
C PRO C 155 21.93 19.43 23.45
N GLU C 156 21.01 18.88 22.67
CA GLU C 156 20.60 19.53 21.45
C GLU C 156 19.61 20.63 21.80
N PRO C 157 19.45 21.65 20.95
CA PRO C 157 20.12 21.89 19.68
C PRO C 157 21.07 23.09 19.63
N VAL C 158 21.88 23.14 18.57
CA VAL C 158 22.61 24.35 18.20
C VAL C 158 22.11 24.79 16.83
N THR C 159 21.97 26.10 16.65
CA THR C 159 21.60 26.67 15.36
C THR C 159 22.85 27.29 14.74
N VAL C 160 23.16 26.87 13.53
CA VAL C 160 24.33 27.37 12.81
C VAL C 160 23.86 28.12 11.58
N SER C 161 24.31 29.36 11.44
CA SER C 161 24.08 30.18 10.27
C SER C 161 25.41 30.69 9.76
N TRP C 162 25.40 31.24 8.55
CA TRP C 162 26.59 31.81 7.94
C TRP C 162 26.28 33.25 7.57
N ASN C 163 27.09 34.18 8.08
CA ASN C 163 26.90 35.61 7.87
C ASN C 163 25.52 36.05 8.37
N SER C 164 25.19 35.58 9.58
CA SER C 164 23.93 35.87 10.28
C SER C 164 22.70 35.28 9.60
N GLY C 165 22.87 34.31 8.72
CA GLY C 165 21.76 33.77 7.99
C GLY C 165 21.51 34.40 6.63
N ALA C 166 22.34 35.37 6.23
CA ALA C 166 22.20 35.98 4.91
C ALA C 166 22.85 35.13 3.82
N LEU C 167 23.63 34.12 4.18
CA LEU C 167 24.30 33.24 3.22
C LEU C 167 23.71 31.85 3.37
N THR C 168 22.95 31.41 2.36
CA THR C 168 22.31 30.10 2.40
C THR C 168 22.63 29.22 1.20
N SER C 169 23.07 29.79 0.08
CA SER C 169 23.37 28.99 -1.10
C SER C 169 24.66 28.21 -0.90
N GLY C 170 24.61 26.91 -1.17
CA GLY C 170 25.77 26.05 -0.98
C GLY C 170 26.13 25.75 0.44
N VAL C 171 25.25 26.07 1.39
CA VAL C 171 25.47 25.78 2.80
C VAL C 171 24.87 24.43 3.13
N HIS C 172 25.58 23.66 3.97
CA HIS C 172 25.15 22.31 4.35
C HIS C 172 25.51 22.10 5.82
N THR C 173 24.54 22.26 6.71
CA THR C 173 24.72 22.05 8.14
C THR C 173 24.26 20.64 8.49
N PHE C 174 25.21 19.79 8.91
CA PHE C 174 25.00 18.37 9.08
C PHE C 174 24.28 18.04 10.39
N PRO C 175 23.52 16.96 10.43
CA PRO C 175 22.97 16.49 11.71
C PRO C 175 24.09 16.10 12.65
N ALA C 176 23.87 16.35 13.94
CA ALA C 176 24.88 16.04 14.94
C ALA C 176 25.10 14.54 15.07
N VAL C 177 26.27 14.18 15.57
CA VAL C 177 26.59 12.79 15.90
C VAL C 177 26.96 12.71 17.37
N LEU C 178 26.64 11.55 17.97
CA LEU C 178 26.85 11.32 19.39
C LEU C 178 28.18 10.57 19.54
N GLN C 179 29.21 11.30 19.97
CA GLN C 179 30.51 10.68 20.16
C GLN C 179 30.50 9.79 21.40
N SER C 180 31.54 8.95 21.50
CA SER C 180 31.69 8.03 22.63
C SER C 180 31.44 8.73 23.97
N SER C 181 32.05 9.90 24.17
CA SER C 181 32.02 10.60 25.44
C SER C 181 30.63 11.08 25.85
N GLY C 182 29.60 10.75 25.06
CA GLY C 182 28.27 11.23 25.35
C GLY C 182 28.08 12.71 25.08
N LEU C 183 28.80 13.24 24.09
CA LEU C 183 28.63 14.62 23.67
C LEU C 183 28.32 14.65 22.17
N TYR C 184 27.71 15.74 21.73
CA TYR C 184 27.28 15.89 20.36
C TYR C 184 28.38 16.59 19.54
N SER C 185 28.44 16.21 18.26
CA SER C 185 29.45 16.75 17.35
C SER C 185 28.77 17.11 16.05
N LEU C 186 28.92 18.36 15.62
CA LEU C 186 28.22 18.87 14.45
C LEU C 186 29.22 19.52 13.49
N SER C 187 28.85 19.55 12.21
CA SER C 187 29.67 20.13 11.16
C SER C 187 28.77 20.98 10.26
N SER C 188 29.31 22.09 9.78
CA SER C 188 28.60 22.94 8.82
C SER C 188 29.60 23.45 7.81
N VAL C 189 29.27 23.32 6.52
CA VAL C 189 30.17 23.71 5.45
C VAL C 189 29.44 24.60 4.45
N VAL C 190 30.21 25.31 3.65
CA VAL C 190 29.69 26.09 2.53
C VAL C 190 30.74 26.11 1.43
N THR C 191 30.28 26.03 0.18
CA THR C 191 31.14 26.11 -0.99
C THR C 191 31.07 27.49 -1.62
N VAL C 192 32.20 27.96 -2.14
CA VAL C 192 32.38 29.36 -2.51
C VAL C 192 33.27 29.48 -3.75
N PRO C 193 33.09 30.53 -4.58
CA PRO C 193 34.01 30.75 -5.73
C PRO C 193 35.46 30.94 -5.30
N SER C 194 36.40 30.31 -6.03
CA SER C 194 37.81 30.23 -5.66
C SER C 194 38.57 31.53 -5.74
N SER C 195 37.94 32.57 -6.25
CA SER C 195 38.64 33.82 -6.37
C SER C 195 37.95 34.89 -5.59
N SER C 196 37.11 34.46 -4.62
CA SER C 196 36.45 35.27 -3.58
C SER C 196 37.05 35.05 -2.21
N LEU C 197 37.97 34.08 -2.03
CA LEU C 197 38.46 33.69 -0.71
C LEU C 197 38.88 34.85 0.20
N GLY C 198 39.99 35.51 -0.13
CA GLY C 198 40.47 36.63 0.66
C GLY C 198 39.65 37.90 0.51
N THR C 199 38.68 37.92 -0.39
CA THR C 199 37.91 39.13 -0.67
C THR C 199 36.70 39.27 0.26
N GLN C 200 35.86 38.24 0.33
CA GLN C 200 34.69 38.30 1.18
C GLN C 200 35.00 37.71 2.55
N THR C 201 34.19 38.08 3.53
CA THR C 201 34.34 37.62 4.90
C THR C 201 33.22 36.61 5.19
N TYR C 202 33.60 35.44 5.72
CA TYR C 202 32.66 34.35 5.97
C TYR C 202 32.69 34.03 7.46
N ILE C 203 31.59 34.35 8.15
CA ILE C 203 31.48 34.17 9.60
C ILE C 203 30.36 33.18 9.87
N CYS C 204 30.68 32.13 10.63
CA CYS C 204 29.69 31.15 11.06
C CYS C 204 29.20 31.53 12.46
N ASN C 205 27.88 31.67 12.59
CA ASN C 205 27.28 31.99 13.88
C ASN C 205 26.73 30.71 14.51
N VAL C 206 27.17 30.43 15.72
CA VAL C 206 26.77 29.23 16.46
C VAL C 206 26.05 29.68 17.73
N ASN C 207 24.85 29.18 17.92
CA ASN C 207 24.03 29.53 19.08
C ASN C 207 23.54 28.25 19.75
N HIS C 208 23.77 28.15 21.06
CA HIS C 208 23.39 26.98 21.84
C HIS C 208 22.61 27.50 23.05
N LYS C 209 21.30 27.68 22.85
CA LYS C 209 20.42 28.14 23.92
C LYS C 209 20.61 27.41 25.25
N PRO C 210 20.75 26.07 25.31
CA PRO C 210 20.89 25.44 26.64
C PRO C 210 22.08 25.96 27.45
N SER C 211 23.21 26.27 26.80
CA SER C 211 24.38 26.79 27.49
C SER C 211 24.56 28.30 27.29
N ASN C 212 23.60 28.96 26.65
CA ASN C 212 23.65 30.41 26.42
C ASN C 212 24.97 30.83 25.76
N THR C 213 25.28 30.18 24.63
CA THR C 213 26.52 30.43 23.90
C THR C 213 26.22 31.02 22.53
N LYS C 214 26.73 32.22 22.28
CA LYS C 214 26.71 32.83 20.95
C LYS C 214 28.16 33.02 20.49
N VAL C 215 28.52 32.36 19.39
CA VAL C 215 29.89 32.42 18.87
C VAL C 215 29.83 32.77 17.39
N ASP C 216 30.63 33.75 16.98
CA ASP C 216 30.84 34.09 15.58
C ASP C 216 32.31 33.85 15.27
N LYS C 217 32.60 32.78 14.54
CA LYS C 217 33.97 32.42 14.18
C LYS C 217 34.20 32.76 12.71
N LYS C 218 35.27 33.50 12.44
CA LYS C 218 35.62 33.90 11.09
C LYS C 218 36.52 32.85 10.46
N VAL C 219 36.11 32.35 9.29
CA VAL C 219 36.87 31.34 8.56
C VAL C 219 37.68 32.04 7.47
N GLU C 220 38.99 31.82 7.50
CA GLU C 220 39.96 32.40 6.58
C GLU C 220 40.84 31.30 6.01
N PRO C 221 41.46 31.52 4.85
CA PRO C 221 42.43 30.54 4.34
C PRO C 221 43.66 30.44 5.22
N LYS C 222 44.31 29.28 5.17
CA LYS C 222 45.43 28.99 6.04
C LYS C 222 46.74 29.31 5.33
N SER C 223 47.61 30.05 6.03
CA SER C 223 48.96 30.38 5.57
C SER C 223 48.98 31.00 4.17
N ASP D 1 -5.68 -0.06 20.67
CA ASP D 1 -5.24 1.03 19.81
C ASP D 1 -5.19 0.61 18.34
N ILE D 2 -5.56 1.53 17.45
CA ILE D 2 -5.52 1.28 16.01
C ILE D 2 -4.09 1.46 15.51
N GLN D 3 -3.56 0.43 14.85
CA GLN D 3 -2.16 0.41 14.41
C GLN D 3 -2.10 0.73 12.92
N MET D 4 -1.50 1.87 12.58
CA MET D 4 -1.36 2.30 11.20
C MET D 4 0.01 1.87 10.67
N THR D 5 0.00 1.20 9.52
CA THR D 5 1.19 0.68 8.87
C THR D 5 1.29 1.26 7.47
N GLN D 6 2.46 1.80 7.13
CA GLN D 6 2.67 2.43 5.83
C GLN D 6 3.55 1.55 4.95
N SER D 7 3.24 1.54 3.65
CA SER D 7 4.05 0.87 2.65
C SER D 7 4.10 1.78 1.43
N PRO D 8 5.30 2.03 0.87
CA PRO D 8 6.57 1.51 1.39
C PRO D 8 7.12 2.37 2.52
N SER D 9 8.14 1.88 3.23
CA SER D 9 8.81 2.70 4.23
C SER D 9 9.64 3.81 3.60
N SER D 10 10.19 3.56 2.42
CA SER D 10 10.97 4.56 1.70
C SER D 10 10.94 4.22 0.22
N LEU D 11 10.89 5.26 -0.62
CA LEU D 11 10.86 5.09 -2.05
C LEU D 11 11.69 6.19 -2.70
N SER D 12 12.18 5.89 -3.91
CA SER D 12 12.91 6.85 -4.72
C SER D 12 12.24 6.89 -6.09
N ALA D 13 11.94 8.10 -6.57
CA ALA D 13 11.29 8.26 -7.86
C ALA D 13 11.92 9.42 -8.61
N SER D 14 11.77 9.38 -9.94
CA SER D 14 12.29 10.45 -10.79
C SER D 14 11.37 11.67 -10.71
N VAL D 15 11.96 12.84 -10.99
CA VAL D 15 11.17 14.06 -10.99
C VAL D 15 10.08 13.95 -12.05
N GLY D 16 8.84 14.22 -11.66
CA GLY D 16 7.70 14.08 -12.53
C GLY D 16 7.04 12.72 -12.50
N ASP D 17 7.65 11.73 -11.84
CA ASP D 17 7.04 10.42 -11.71
C ASP D 17 5.81 10.47 -10.81
N ARG D 18 4.92 9.50 -11.01
CA ARG D 18 3.78 9.31 -10.13
C ARG D 18 4.17 8.44 -8.95
N VAL D 19 3.75 8.86 -7.76
CA VAL D 19 4.18 8.23 -6.51
C VAL D 19 2.94 7.86 -5.70
N THR D 20 2.91 6.63 -5.18
CA THR D 20 1.78 6.12 -4.42
C THR D 20 2.27 5.55 -3.11
N ILE D 21 1.75 6.08 -2.00
CA ILE D 21 2.02 5.57 -0.66
C ILE D 21 0.74 4.96 -0.12
N THR D 22 0.86 3.80 0.50
CA THR D 22 -0.30 3.13 1.07
C THR D 22 -0.25 3.16 2.59
N CYS D 23 -1.40 3.42 3.19
CA CYS D 23 -1.61 3.33 4.63
C CYS D 23 -2.60 2.21 4.89
N GLN D 24 -2.23 1.26 5.74
CA GLN D 24 -3.10 0.16 6.13
CA GLN D 24 -3.10 0.16 6.13
C GLN D 24 -3.53 0.35 7.57
N ALA D 25 -4.84 0.36 7.80
CA ALA D 25 -5.38 0.40 9.14
C ALA D 25 -5.62 -1.01 9.63
N SER D 26 -5.54 -1.19 10.95
CA SER D 26 -5.76 -2.51 11.52
C SER D 26 -7.24 -2.82 11.71
N GLN D 27 -8.14 -1.93 11.28
CA GLN D 27 -9.57 -2.22 11.18
C GLN D 27 -10.19 -1.28 10.18
N ASP D 28 -11.46 -1.53 9.86
CA ASP D 28 -12.21 -0.69 8.95
C ASP D 28 -12.54 0.63 9.63
N ILE D 29 -11.86 1.72 9.23
CA ILE D 29 -12.03 3.00 9.88
C ILE D 29 -12.73 4.02 8.97
N SER D 30 -13.44 3.54 7.95
CA SER D 30 -14.27 4.38 7.06
C SER D 30 -13.36 5.45 6.44
N ASN D 31 -13.72 6.73 6.48
CA ASN D 31 -12.94 7.81 5.87
C ASN D 31 -12.12 8.58 6.89
N TYR D 32 -11.79 7.96 8.02
CA TYR D 32 -11.18 8.65 9.15
C TYR D 32 -9.64 8.54 9.11
N LEU D 33 -9.03 9.08 8.05
CA LEU D 33 -7.59 8.93 7.90
C LEU D 33 -6.99 10.12 7.18
N ASN D 34 -6.23 10.94 7.90
CA ASN D 34 -5.62 12.15 7.35
C ASN D 34 -4.16 11.90 6.95
N TRP D 35 -3.64 12.81 6.12
CA TRP D 35 -2.30 12.70 5.55
C TRP D 35 -1.50 13.97 5.85
N TYR D 36 -0.25 13.80 6.28
CA TYR D 36 0.61 14.91 6.67
C TYR D 36 1.97 14.82 5.99
N GLN D 37 2.57 15.98 5.72
CA GLN D 37 3.91 16.07 5.14
C GLN D 37 4.84 16.71 6.15
N GLN D 38 6.04 16.14 6.30
CA GLN D 38 7.08 16.71 7.15
C GLN D 38 8.41 16.70 6.42
N LYS D 39 8.85 17.89 5.99
CA LYS D 39 10.15 18.11 5.40
C LYS D 39 11.22 18.22 6.48
N PRO D 40 12.47 17.89 6.18
CA PRO D 40 13.49 17.81 7.23
C PRO D 40 13.59 19.10 8.03
N GLY D 41 13.63 18.95 9.35
CA GLY D 41 13.75 20.07 10.25
C GLY D 41 12.58 21.02 10.30
N LYS D 42 11.47 20.68 9.65
CA LYS D 42 10.24 21.46 9.73
C LYS D 42 9.17 20.67 10.45
N ALA D 43 8.08 21.34 10.78
CA ALA D 43 6.97 20.67 11.44
C ALA D 43 6.06 20.01 10.41
N PRO D 44 5.21 19.08 10.83
CA PRO D 44 4.30 18.45 9.86
C PRO D 44 3.30 19.42 9.27
N LYS D 45 2.89 19.13 8.03
CA LYS D 45 1.97 19.95 7.26
C LYS D 45 0.80 19.06 6.86
N LEU D 46 -0.42 19.45 7.27
CA LEU D 46 -1.59 18.69 6.88
C LEU D 46 -1.85 18.84 5.38
N LEU D 47 -1.90 17.71 4.68
CA LEU D 47 -2.09 17.68 3.23
C LEU D 47 -3.50 17.23 2.86
N ILE D 48 -3.92 16.06 3.35
CA ILE D 48 -5.22 15.50 3.04
C ILE D 48 -5.93 15.20 4.34
N TYR D 49 -7.17 15.67 4.47
CA TYR D 49 -7.98 15.39 5.65
C TYR D 49 -9.22 14.61 5.23
N ASP D 50 -9.87 14.01 6.22
CA ASP D 50 -10.78 12.90 6.00
C ASP D 50 -10.03 11.92 5.12
N ALA D 51 -10.63 11.35 4.07
CA ALA D 51 -9.85 10.38 3.31
C ALA D 51 -9.32 10.94 1.99
N SER D 52 -9.93 11.97 1.45
CA SER D 52 -9.55 12.49 0.14
C SER D 52 -9.67 14.00 0.03
N ASN D 53 -10.07 14.69 1.09
CA ASN D 53 -10.36 16.11 1.01
C ASN D 53 -9.05 16.90 1.04
N LEU D 54 -8.83 17.71 0.00
CA LEU D 54 -7.59 18.45 -0.16
C LEU D 54 -7.67 19.75 0.63
N GLU D 55 -6.71 19.96 1.52
CA GLU D 55 -6.75 21.16 2.36
C GLU D 55 -6.58 22.39 1.48
N THR D 56 -7.11 23.52 1.96
CA THR D 56 -6.98 24.77 1.22
C THR D 56 -5.50 25.11 1.01
N GLY D 57 -5.16 25.48 -0.21
CA GLY D 57 -3.79 25.87 -0.52
C GLY D 57 -2.78 24.74 -0.58
N VAL D 58 -3.18 23.57 -1.06
CA VAL D 58 -2.29 22.43 -1.24
C VAL D 58 -2.25 22.09 -2.71
N PRO D 59 -1.08 21.85 -3.30
CA PRO D 59 -0.98 21.57 -4.74
C PRO D 59 -1.87 20.41 -5.17
N SER D 60 -2.43 20.54 -6.38
CA SER D 60 -3.35 19.55 -6.92
C SER D 60 -2.68 18.25 -7.28
N ARG D 61 -1.35 18.21 -7.33
CA ARG D 61 -0.68 16.93 -7.59
C ARG D 61 -0.84 15.97 -6.42
N PHE D 62 -1.21 16.49 -5.24
CA PHE D 62 -1.45 15.67 -4.07
C PHE D 62 -2.91 15.24 -4.05
N SER D 63 -3.14 13.94 -3.83
CA SER D 63 -4.50 13.42 -3.79
C SER D 63 -4.53 12.16 -2.94
N GLY D 64 -5.58 12.04 -2.12
CA GLY D 64 -5.80 10.84 -1.35
C GLY D 64 -7.03 10.08 -1.84
N SER D 65 -7.08 8.79 -1.56
CA SER D 65 -8.25 7.99 -1.91
C SER D 65 -8.26 6.75 -1.03
N GLY D 66 -9.28 5.93 -1.19
CA GLY D 66 -9.45 4.73 -0.41
C GLY D 66 -10.43 4.95 0.74
N SER D 67 -10.78 3.83 1.37
CA SER D 67 -11.63 3.83 2.56
C SER D 67 -11.56 2.43 3.16
N GLY D 68 -12.07 2.32 4.37
CA GLY D 68 -12.04 1.04 5.05
C GLY D 68 -10.74 0.76 5.77
N THR D 69 -9.85 0.02 5.12
CA THR D 69 -8.60 -0.38 5.75
C THR D 69 -7.34 0.06 5.01
N ASP D 70 -7.41 0.25 3.70
CA ASP D 70 -6.23 0.61 2.92
C ASP D 70 -6.47 1.94 2.23
N PHE D 71 -5.58 2.88 2.45
CA PHE D 71 -5.71 4.23 1.92
C PHE D 71 -4.49 4.56 1.08
N THR D 72 -4.73 5.30 0.00
CA THR D 72 -3.70 5.66 -0.95
C THR D 72 -3.47 7.17 -0.92
N PHE D 73 -2.20 7.56 -0.85
CA PHE D 73 -1.79 8.94 -1.03
C PHE D 73 -0.92 8.99 -2.27
N THR D 74 -1.21 9.94 -3.17
CA THR D 74 -0.60 9.94 -4.49
C THR D 74 -0.06 11.31 -4.82
N ILE D 75 1.19 11.35 -5.26
CA ILE D 75 1.73 12.52 -5.95
C ILE D 75 1.66 12.18 -7.43
N SER D 76 0.84 12.93 -8.18
CA SER D 76 0.69 12.64 -9.60
C SER D 76 1.99 12.92 -10.35
N SER D 77 2.73 13.95 -9.93
CA SER D 77 3.98 14.32 -10.58
C SER D 77 4.96 14.80 -9.50
N LEU D 78 6.05 14.06 -9.34
CA LEU D 78 6.98 14.31 -8.24
C LEU D 78 7.83 15.57 -8.48
N GLN D 79 7.94 16.41 -7.46
CA GLN D 79 8.72 17.64 -7.54
C GLN D 79 9.89 17.62 -6.56
N PRO D 80 10.97 18.30 -6.90
CA PRO D 80 12.13 18.34 -5.99
C PRO D 80 11.79 18.88 -4.60
N GLU D 81 10.80 19.76 -4.49
CA GLU D 81 10.39 20.28 -3.19
C GLU D 81 9.45 19.33 -2.46
N ASP D 82 9.27 18.11 -2.94
CA ASP D 82 8.45 17.12 -2.26
C ASP D 82 9.26 16.14 -1.43
N ILE D 83 10.59 16.31 -1.38
CA ILE D 83 11.44 15.49 -0.52
C ILE D 83 11.03 15.70 0.93
N ALA D 84 10.34 14.73 1.51
CA ALA D 84 9.88 14.81 2.89
C ALA D 84 9.50 13.41 3.35
N THR D 85 9.05 13.33 4.60
CA THR D 85 8.48 12.12 5.13
C THR D 85 6.97 12.32 5.26
N TYR D 86 6.20 11.37 4.73
CA TYR D 86 4.76 11.47 4.71
C TYR D 86 4.16 10.54 5.75
N TYR D 87 3.21 11.06 6.52
CA TYR D 87 2.61 10.33 7.63
C TYR D 87 1.11 10.25 7.42
N CYS D 88 0.55 9.04 7.58
CA CYS D 88 -0.89 8.89 7.69
C CYS D 88 -1.28 8.83 9.16
N GLN D 89 -2.50 9.27 9.45
CA GLN D 89 -3.00 9.29 10.82
C GLN D 89 -4.48 8.96 10.83
N GLN D 90 -4.88 8.11 11.77
CA GLN D 90 -6.29 7.78 11.95
C GLN D 90 -6.89 8.62 13.06
N ASP D 91 -8.14 9.04 12.84
CA ASP D 91 -8.89 9.81 13.83
C ASP D 91 -10.26 9.17 14.03
N ALA D 92 -10.35 7.86 13.78
CA ALA D 92 -11.59 7.11 13.96
C ALA D 92 -11.79 6.72 15.41
N GLY D 93 -10.72 6.72 16.18
CA GLY D 93 -10.81 6.37 17.58
C GLY D 93 -9.60 6.89 18.32
N THR D 94 -9.71 6.91 19.64
CA THR D 94 -8.67 7.35 20.55
C THR D 94 -7.93 6.15 21.11
N PRO D 95 -6.60 6.23 21.30
CA PRO D 95 -5.75 7.38 20.98
C PRO D 95 -5.52 7.55 19.49
N LEU D 96 -5.47 8.80 19.04
CA LEU D 96 -5.10 9.06 17.66
C LEU D 96 -3.68 8.57 17.40
N THR D 97 -3.50 7.85 16.29
CA THR D 97 -2.22 7.18 16.02
C THR D 97 -1.78 7.45 14.59
N PHE D 98 -0.47 7.40 14.39
CA PHE D 98 0.14 7.68 13.10
C PHE D 98 0.80 6.43 12.54
N GLY D 99 0.91 6.37 11.22
CA GLY D 99 1.81 5.44 10.60
C GLY D 99 3.25 5.80 10.87
N GLN D 100 4.14 4.84 10.64
CA GLN D 100 5.56 5.05 10.92
C GLN D 100 6.20 6.07 10.00
N GLY D 101 5.53 6.47 8.93
CA GLY D 101 6.09 7.42 8.00
C GLY D 101 6.69 6.75 6.77
N THR D 102 6.67 7.46 5.65
CA THR D 102 7.31 7.00 4.42
C THR D 102 8.24 8.11 3.93
N LYS D 103 9.49 7.74 3.67
CA LYS D 103 10.52 8.69 3.28
C LYS D 103 10.59 8.73 1.75
N VAL D 104 10.24 9.88 1.18
CA VAL D 104 10.24 10.05 -0.27
C VAL D 104 11.53 10.75 -0.67
N GLU D 105 12.19 10.22 -1.69
CA GLU D 105 13.42 10.79 -2.22
C GLU D 105 13.34 10.80 -3.75
N ILE D 106 14.20 11.58 -4.38
CA ILE D 106 14.20 11.75 -5.83
C ILE D 106 15.37 11.01 -6.45
N LYS D 107 15.06 10.18 -7.45
CA LYS D 107 16.05 9.51 -8.28
C LYS D 107 16.49 10.45 -9.40
N ARG D 108 17.79 10.74 -9.46
CA ARG D 108 18.31 11.71 -10.42
C ARG D 108 19.55 11.14 -11.09
N THR D 109 20.13 11.94 -11.99
CA THR D 109 21.34 11.52 -12.70
C THR D 109 22.50 11.34 -11.74
N VAL D 110 23.34 10.34 -12.02
CA VAL D 110 24.50 10.07 -11.18
C VAL D 110 25.42 11.29 -11.18
N ALA D 111 25.87 11.69 -9.99
CA ALA D 111 26.73 12.85 -9.80
C ALA D 111 27.85 12.51 -8.84
N ALA D 112 29.07 12.86 -9.22
CA ALA D 112 30.24 12.49 -8.42
C ALA D 112 30.49 13.53 -7.33
N PRO D 113 30.91 13.07 -6.15
CA PRO D 113 31.13 14.02 -5.04
C PRO D 113 32.42 14.80 -5.21
N SER D 114 32.31 16.13 -5.15
CA SER D 114 33.48 16.96 -4.90
C SER D 114 33.97 16.68 -3.48
N VAL D 115 35.26 16.47 -3.33
CA VAL D 115 35.83 15.97 -2.08
C VAL D 115 36.85 16.98 -1.55
N PHE D 116 36.70 17.36 -0.28
CA PHE D 116 37.54 18.36 0.36
C PHE D 116 38.04 17.83 1.70
N ILE D 117 39.26 18.23 2.04
CA ILE D 117 39.89 17.83 3.30
C ILE D 117 40.26 19.08 4.09
N PHE D 118 40.15 18.99 5.42
CA PHE D 118 40.34 20.11 6.31
C PHE D 118 41.24 19.71 7.48
N PRO D 119 42.22 20.54 7.84
CA PRO D 119 43.10 20.20 8.96
C PRO D 119 42.50 20.58 10.30
N PRO D 120 42.97 19.95 11.39
CA PRO D 120 42.56 20.40 12.73
C PRO D 120 42.90 21.87 12.90
N SER D 121 41.97 22.61 13.49
CA SER D 121 42.15 24.04 13.67
C SER D 121 43.24 24.31 14.71
N ASP D 122 43.89 25.47 14.57
CA ASP D 122 45.01 25.79 15.46
C ASP D 122 44.57 25.97 16.91
N GLU D 123 43.28 26.21 17.17
CA GLU D 123 42.78 26.20 18.53
C GLU D 123 42.59 24.78 19.03
N GLN D 124 42.19 23.88 18.12
CA GLN D 124 41.92 22.49 18.49
C GLN D 124 43.15 21.82 19.10
N LEU D 125 44.34 22.13 18.57
CA LEU D 125 45.53 21.41 19.04
C LEU D 125 45.91 21.81 20.47
N LYS D 126 45.64 23.06 20.87
CA LYS D 126 45.86 23.44 22.26
C LYS D 126 44.97 22.64 23.20
N SER D 127 43.69 22.49 22.85
CA SER D 127 42.75 21.79 23.71
C SER D 127 43.09 20.32 23.91
N GLY D 128 44.03 19.78 23.13
CA GLY D 128 44.52 18.44 23.37
C GLY D 128 43.95 17.37 22.47
N THR D 129 43.02 17.71 21.59
CA THR D 129 42.44 16.76 20.65
C THR D 129 42.64 17.26 19.23
N ALA D 130 42.41 16.39 18.25
CA ALA D 130 42.55 16.76 16.86
C ALA D 130 41.52 16.00 16.03
N SER D 131 40.76 16.73 15.21
CA SER D 131 39.79 16.13 14.31
C SER D 131 40.10 16.56 12.88
N VAL D 132 40.26 15.57 12.00
CA VAL D 132 40.42 15.82 10.57
C VAL D 132 39.08 15.58 9.91
N VAL D 133 38.75 16.41 8.92
CA VAL D 133 37.39 16.46 8.37
C VAL D 133 37.45 16.30 6.86
N CYS D 134 36.84 15.24 6.35
CA CYS D 134 36.64 15.02 4.93
C CYS D 134 35.20 15.37 4.58
N LEU D 135 35.02 16.07 3.46
CA LEU D 135 33.70 16.51 3.02
C LEU D 135 33.43 15.98 1.62
N LEU D 136 32.28 15.34 1.44
CA LEU D 136 31.81 14.83 0.16
C LEU D 136 30.59 15.67 -0.20
N ASN D 137 30.74 16.60 -1.15
CA ASN D 137 29.70 17.57 -1.44
C ASN D 137 28.96 17.24 -2.74
N ASN D 138 27.63 17.31 -2.67
CA ASN D 138 26.73 17.31 -3.82
C ASN D 138 26.93 16.10 -4.72
N PHE D 139 26.40 14.94 -4.32
CA PHE D 139 26.53 13.73 -5.11
C PHE D 139 25.25 12.90 -5.06
N TYR D 140 25.04 12.11 -6.11
CA TYR D 140 23.98 11.11 -6.22
C TYR D 140 24.56 9.96 -7.04
N PRO D 141 24.19 8.69 -6.76
CA PRO D 141 23.21 8.14 -5.83
C PRO D 141 23.63 8.37 -4.40
N ARG D 142 22.84 7.89 -3.44
CA ARG D 142 23.05 8.27 -2.06
C ARG D 142 24.45 7.91 -1.58
N GLU D 143 24.85 6.66 -1.71
CA GLU D 143 25.99 6.39 -0.87
C GLU D 143 27.27 6.03 -1.62
N ALA D 144 28.34 6.14 -0.83
CA ALA D 144 29.74 6.12 -1.22
C ALA D 144 30.53 5.68 0.00
N LYS D 145 31.79 5.32 -0.22
CA LYS D 145 32.67 4.83 0.83
C LYS D 145 33.67 5.91 1.23
N VAL D 146 33.80 6.15 2.53
CA VAL D 146 34.88 6.97 3.06
C VAL D 146 35.87 6.04 3.74
N GLN D 147 37.15 6.22 3.43
CA GLN D 147 38.22 5.39 3.99
C GLN D 147 39.32 6.31 4.49
N TRP D 148 39.69 6.16 5.75
CA TRP D 148 40.75 6.98 6.33
C TRP D 148 42.07 6.21 6.33
N LYS D 149 43.14 6.91 5.95
CA LYS D 149 44.46 6.31 5.80
C LYS D 149 45.46 7.24 6.50
N VAL D 150 45.88 6.86 7.70
CA VAL D 150 46.87 7.59 8.47
C VAL D 150 48.22 6.93 8.21
N ASP D 151 49.05 7.60 7.42
CA ASP D 151 50.33 7.05 6.95
C ASP D 151 50.12 5.68 6.31
N ASN D 152 49.17 5.64 5.36
CA ASN D 152 48.80 4.46 4.57
C ASN D 152 48.17 3.35 5.40
N ALA D 153 47.93 3.56 6.69
CA ALA D 153 47.35 2.53 7.53
C ALA D 153 45.83 2.69 7.57
N LEU D 154 45.12 1.58 7.37
CA LEU D 154 43.66 1.59 7.37
C LEU D 154 43.14 1.81 8.79
N GLN D 155 42.39 2.89 8.99
CA GLN D 155 41.79 3.20 10.28
C GLN D 155 40.48 2.44 10.47
N SER D 156 40.03 2.38 11.71
CA SER D 156 38.75 1.81 12.09
C SER D 156 38.50 2.06 13.57
N GLY D 157 37.22 2.20 13.91
CA GLY D 157 36.84 2.49 15.29
C GLY D 157 37.14 3.91 15.76
N ASN D 158 37.28 4.87 14.84
CA ASN D 158 37.69 6.20 15.27
C ASN D 158 37.16 7.33 14.39
N SER D 159 36.20 7.08 13.50
CA SER D 159 35.68 8.10 12.61
C SER D 159 34.16 8.00 12.52
N GLN D 160 33.50 9.16 12.51
CA GLN D 160 32.04 9.23 12.48
C GLN D 160 31.60 9.95 11.21
N GLU D 161 30.52 9.46 10.61
CA GLU D 161 29.91 10.07 9.45
C GLU D 161 28.63 10.80 9.84
N SER D 162 28.22 11.73 8.98
CA SER D 162 26.90 12.33 9.04
C SER D 162 26.51 12.72 7.63
N VAL D 163 25.23 12.57 7.30
CA VAL D 163 24.73 12.81 5.95
C VAL D 163 23.54 13.77 6.03
N THR D 164 23.50 14.70 5.08
CA THR D 164 22.38 15.62 4.98
C THR D 164 21.22 14.96 4.22
N GLU D 165 20.04 15.54 4.39
CA GLU D 165 18.89 15.13 3.60
C GLU D 165 19.02 15.67 2.19
N GLN D 166 18.43 14.94 1.23
CA GLN D 166 18.47 15.32 -0.16
C GLN D 166 18.11 16.79 -0.36
N ASP D 167 18.99 17.54 -1.02
CA ASP D 167 18.74 18.95 -1.27
C ASP D 167 17.47 19.11 -2.09
N SER D 168 16.62 20.04 -1.66
CA SER D 168 15.35 20.25 -2.35
C SER D 168 15.50 20.86 -3.73
N LYS D 169 16.71 21.21 -4.15
CA LYS D 169 16.93 21.83 -5.45
C LYS D 169 17.57 20.86 -6.44
N ASP D 170 18.83 20.49 -6.24
CA ASP D 170 19.54 19.64 -7.17
C ASP D 170 19.51 18.15 -6.80
N SER D 171 18.73 17.78 -5.77
CA SER D 171 18.53 16.38 -5.39
C SER D 171 19.85 15.68 -5.06
N THR D 172 20.75 16.38 -4.40
CA THR D 172 22.07 15.85 -4.08
C THR D 172 22.26 15.71 -2.57
N TYR D 173 23.41 15.16 -2.19
CA TYR D 173 23.76 14.88 -0.81
C TYR D 173 25.08 15.52 -0.44
N SER D 174 25.32 15.58 0.86
CA SER D 174 26.64 15.94 1.38
C SER D 174 26.96 15.02 2.54
N LEU D 175 28.25 14.78 2.75
CA LEU D 175 28.71 13.86 3.78
C LEU D 175 29.92 14.44 4.47
N SER D 176 29.90 14.43 5.81
CA SER D 176 31.03 14.86 6.63
C SER D 176 31.53 13.68 7.42
N SER D 177 32.82 13.36 7.25
CA SER D 177 33.51 12.35 8.04
C SER D 177 34.51 13.05 8.94
N THR D 178 34.50 12.68 10.22
CA THR D 178 35.34 13.34 11.22
C THR D 178 36.15 12.29 11.97
N LEU D 179 37.44 12.24 11.68
CA LEU D 179 38.35 11.34 12.38
C LEU D 179 38.95 12.08 13.58
N THR D 180 38.62 11.62 14.79
CA THR D 180 39.04 12.26 16.01
C THR D 180 40.18 11.47 16.66
N LEU D 181 41.19 12.18 17.15
CA LEU D 181 42.28 11.55 17.88
C LEU D 181 42.93 12.59 18.79
N SER D 182 43.70 12.10 19.75
CA SER D 182 44.38 12.97 20.70
C SER D 182 45.53 13.70 20.03
N LYS D 183 45.88 14.87 20.56
CA LYS D 183 46.97 15.67 20.00
C LYS D 183 48.23 14.81 19.82
N ALA D 184 48.46 13.88 20.75
CA ALA D 184 49.66 13.04 20.68
C ALA D 184 49.72 12.22 19.40
N ASP D 185 48.66 11.47 19.11
CA ASP D 185 48.66 10.61 17.93
C ASP D 185 48.71 11.40 16.63
N TYR D 186 48.33 12.67 16.66
CA TYR D 186 48.42 13.52 15.48
C TYR D 186 49.87 13.78 15.09
N GLU D 187 50.73 14.07 16.08
CA GLU D 187 52.11 14.47 15.81
C GLU D 187 52.99 13.30 15.40
N LYS D 188 52.83 12.15 16.07
CA LYS D 188 53.70 11.00 15.81
C LYS D 188 53.59 10.58 14.35
N HIS D 189 52.40 10.68 13.77
CA HIS D 189 52.09 10.28 12.41
C HIS D 189 52.02 11.51 11.50
N LYS D 190 51.91 11.25 10.19
CA LYS D 190 52.28 12.30 9.25
C LYS D 190 51.36 12.51 8.04
N VAL D 191 51.05 11.47 7.26
CA VAL D 191 50.28 11.64 6.02
C VAL D 191 48.83 11.24 6.28
N TYR D 192 47.91 12.21 6.11
CA TYR D 192 46.50 11.98 6.33
C TYR D 192 45.74 12.21 5.03
N ALA D 193 44.75 11.35 4.77
CA ALA D 193 44.00 11.40 3.52
C ALA D 193 42.77 10.52 3.64
N CYS D 194 41.72 10.90 2.93
CA CYS D 194 40.51 10.09 2.83
CA CYS D 194 40.51 10.09 2.83
C CYS D 194 40.38 9.57 1.40
N GLU D 195 40.11 8.28 1.27
CA GLU D 195 39.87 7.66 -0.02
C GLU D 195 38.37 7.47 -0.17
N VAL D 196 37.80 8.11 -1.19
CA VAL D 196 36.34 8.19 -1.35
C VAL D 196 35.98 7.49 -2.65
N THR D 197 35.13 6.48 -2.54
CA THR D 197 34.69 5.68 -3.68
C THR D 197 33.20 5.86 -3.90
N HIS D 198 32.82 6.15 -5.14
CA HIS D 198 31.42 6.43 -5.46
C HIS D 198 31.15 5.95 -6.88
N GLN D 199 29.87 5.61 -7.14
CA GLN D 199 29.49 5.11 -8.45
C GLN D 199 29.87 6.09 -9.56
N GLY D 200 29.78 7.39 -9.28
CA GLY D 200 30.13 8.39 -10.27
C GLY D 200 31.62 8.57 -10.50
N LEU D 201 32.46 7.76 -9.88
CA LEU D 201 33.90 7.82 -10.05
C LEU D 201 34.40 6.61 -10.82
N SER D 202 35.43 6.83 -11.65
CA SER D 202 36.13 5.72 -12.28
C SER D 202 36.76 4.82 -11.24
N SER D 203 37.62 5.39 -10.39
CA SER D 203 38.38 4.70 -9.37
C SER D 203 38.48 5.58 -8.14
N PRO D 204 38.59 4.99 -6.93
CA PRO D 204 38.57 5.80 -5.69
C PRO D 204 39.50 7.01 -5.69
N VAL D 205 38.91 8.19 -5.48
CA VAL D 205 39.64 9.45 -5.46
C VAL D 205 40.14 9.71 -4.05
N THR D 206 41.34 10.26 -3.93
CA THR D 206 41.96 10.56 -2.64
C THR D 206 42.33 12.03 -2.55
N LYS D 207 41.89 12.67 -1.47
CA LYS D 207 42.37 14.00 -1.10
C LYS D 207 43.26 13.86 0.14
N SER D 208 44.37 14.59 0.17
CA SER D 208 45.40 14.36 1.17
C SER D 208 45.98 15.67 1.66
N PHE D 209 46.60 15.62 2.84
CA PHE D 209 47.41 16.72 3.34
C PHE D 209 48.49 16.18 4.26
N ASN D 210 49.55 16.98 4.42
CA ASN D 210 50.67 16.66 5.29
C ASN D 210 50.60 17.56 6.52
N ARG D 211 50.61 16.94 7.71
CA ARG D 211 50.46 17.68 8.96
C ARG D 211 51.47 18.82 9.05
N GLY D 212 50.94 20.04 9.08
CA GLY D 212 51.75 21.23 9.01
C GLY D 212 51.90 21.82 7.62
N GLU D 213 50.90 21.65 6.76
CA GLU D 213 50.92 22.14 5.39
C GLU D 213 52.17 21.70 4.64
N PRO E 12 -13.87 35.06 -8.62
CA PRO E 12 -15.24 35.08 -8.11
C PRO E 12 -16.23 34.55 -9.15
N ASN E 13 -15.72 34.06 -10.27
CA ASN E 13 -16.54 33.53 -11.35
C ASN E 13 -17.06 32.14 -11.01
N ILE E 14 -17.42 31.93 -9.74
CA ILE E 14 -17.63 30.58 -9.25
C ILE E 14 -18.84 29.96 -9.95
N THR E 15 -18.65 28.76 -10.47
CA THR E 15 -19.67 28.02 -11.19
C THR E 15 -19.95 26.66 -10.57
N ASN E 16 -19.08 26.21 -9.65
CA ASN E 16 -19.17 24.86 -9.12
C ASN E 16 -20.53 24.67 -8.45
N LEU E 17 -21.20 23.57 -8.78
CA LEU E 17 -22.41 23.20 -8.07
C LEU E 17 -22.01 22.49 -6.80
N CYS E 18 -22.48 22.99 -5.66
CA CYS E 18 -21.99 22.47 -4.39
C CYS E 18 -22.30 20.98 -4.28
N PRO E 19 -21.38 20.19 -3.75
CA PRO E 19 -21.56 18.72 -3.74
C PRO E 19 -22.37 18.25 -2.54
N PHE E 20 -23.64 18.64 -2.51
CA PHE E 20 -24.53 18.19 -1.45
C PHE E 20 -24.85 16.70 -1.60
N GLY E 21 -24.78 16.16 -2.83
CA GLY E 21 -25.00 14.74 -3.01
C GLY E 21 -23.99 13.90 -2.27
N GLU E 22 -22.71 14.29 -2.32
CA GLU E 22 -21.66 13.57 -1.62
C GLU E 22 -22.00 13.30 -0.16
N VAL E 23 -22.65 14.26 0.50
CA VAL E 23 -23.01 14.09 1.90
C VAL E 23 -24.38 13.46 2.05
N PHE E 24 -25.34 13.81 1.20
CA PHE E 24 -26.70 13.33 1.39
C PHE E 24 -26.86 11.89 0.91
N ASN E 25 -26.48 11.59 -0.35
CA ASN E 25 -26.60 10.24 -0.87
C ASN E 25 -25.42 9.34 -0.49
N ALA E 26 -24.66 9.70 0.54
CA ALA E 26 -23.51 8.89 0.91
C ALA E 26 -23.97 7.51 1.37
N THR E 27 -23.18 6.49 1.05
CA THR E 27 -23.59 5.12 1.35
C THR E 27 -23.50 4.82 2.84
N ARG E 28 -22.42 5.25 3.49
CA ARG E 28 -22.18 4.96 4.89
C ARG E 28 -22.21 6.26 5.68
N PHE E 29 -23.09 6.33 6.67
CA PHE E 29 -23.19 7.49 7.54
C PHE E 29 -22.42 7.24 8.83
N ALA E 30 -22.15 8.32 9.56
CA ALA E 30 -21.36 8.25 10.77
C ALA E 30 -22.22 7.91 11.98
N SER E 31 -21.61 7.26 12.96
CA SER E 31 -22.24 7.16 14.27
C SER E 31 -22.29 8.54 14.90
N VAL E 32 -23.42 8.84 15.56
CA VAL E 32 -23.68 10.20 16.04
C VAL E 32 -22.55 10.68 16.94
N TYR E 33 -21.95 9.77 17.71
CA TYR E 33 -20.89 10.19 18.62
C TYR E 33 -19.65 10.64 17.85
N ALA E 34 -19.31 9.94 16.77
CA ALA E 34 -18.19 10.32 15.92
C ALA E 34 -18.67 10.98 14.63
N TRP E 35 -19.48 12.03 14.77
CA TRP E 35 -20.13 12.63 13.61
C TRP E 35 -19.11 13.23 12.64
N ASN E 36 -19.53 13.32 11.38
CA ASN E 36 -18.69 13.81 10.29
C ASN E 36 -18.97 15.29 10.04
N ARG E 37 -17.98 15.97 9.46
CA ARG E 37 -18.17 17.35 9.03
C ARG E 37 -17.55 17.52 7.65
N LYS E 38 -18.29 18.15 6.74
CA LYS E 38 -17.80 18.47 5.41
C LYS E 38 -17.82 19.99 5.23
N ARG E 39 -16.70 20.56 4.80
CA ARG E 39 -16.67 21.96 4.44
C ARG E 39 -17.20 22.12 3.02
N ILE E 40 -18.13 23.05 2.84
CA ILE E 40 -18.71 23.34 1.54
C ILE E 40 -18.35 24.77 1.21
N SER E 41 -17.44 24.96 0.26
CA SER E 41 -17.01 26.30 -0.11
C SER E 41 -16.61 26.30 -1.58
N ASN E 42 -16.41 27.51 -2.11
CA ASN E 42 -16.05 27.74 -3.50
C ASN E 42 -16.98 27.00 -4.46
N CYS E 43 -18.27 27.26 -4.29
CA CYS E 43 -19.30 26.64 -5.12
C CYS E 43 -20.58 27.45 -4.97
N VAL E 44 -21.56 27.14 -5.82
CA VAL E 44 -22.86 27.77 -5.78
C VAL E 44 -23.87 26.71 -5.37
N ALA E 45 -24.73 27.06 -4.42
CA ALA E 45 -25.62 26.10 -3.77
C ALA E 45 -27.05 26.46 -4.09
N ASP E 46 -27.76 25.54 -4.73
CA ASP E 46 -29.18 25.69 -5.00
C ASP E 46 -29.91 24.95 -3.89
N TYR E 47 -30.33 25.69 -2.87
CA TYR E 47 -31.01 25.07 -1.74
C TYR E 47 -32.41 24.61 -2.10
N SER E 48 -32.99 25.11 -3.19
CA SER E 48 -34.31 24.65 -3.63
C SER E 48 -34.32 23.17 -3.97
N VAL E 49 -33.16 22.55 -4.17
CA VAL E 49 -33.12 21.12 -4.47
C VAL E 49 -33.07 20.35 -3.16
N LEU E 50 -33.37 21.03 -2.06
CA LEU E 50 -33.38 20.42 -0.73
C LEU E 50 -34.73 20.58 -0.04
N TYR E 51 -35.20 21.81 0.18
CA TYR E 51 -36.53 21.95 0.78
C TYR E 51 -37.64 21.61 -0.21
N ASN E 52 -37.34 21.49 -1.50
CA ASN E 52 -38.28 20.96 -2.48
C ASN E 52 -37.91 19.51 -2.79
N SER E 53 -38.09 18.66 -1.78
CA SER E 53 -37.93 17.23 -1.94
C SER E 53 -38.85 16.53 -0.97
N ALA E 54 -39.51 15.47 -1.45
CA ALA E 54 -40.33 14.62 -0.59
C ALA E 54 -39.52 13.52 0.03
N SER E 55 -38.23 13.75 0.24
CA SER E 55 -37.32 12.75 0.77
C SER E 55 -37.10 12.86 2.26
N PHE E 56 -37.45 14.00 2.86
CA PHE E 56 -37.03 14.33 4.21
C PHE E 56 -38.22 14.33 5.17
N SER E 57 -38.06 13.63 6.28
CA SER E 57 -39.04 13.69 7.36
C SER E 57 -38.96 15.01 8.11
N THR E 58 -37.76 15.58 8.21
CA THR E 58 -37.56 16.83 8.92
C THR E 58 -36.74 17.81 8.09
N PHE E 59 -37.20 19.07 8.06
CA PHE E 59 -36.45 20.16 7.44
C PHE E 59 -36.83 21.42 8.22
N LYS E 60 -36.07 21.71 9.27
CA LYS E 60 -36.41 22.75 10.23
C LYS E 60 -35.21 23.69 10.39
N CYS E 61 -35.40 24.96 10.03
CA CYS E 61 -34.32 25.93 9.94
C CYS E 61 -34.41 26.94 11.09
N TYR E 62 -33.26 27.53 11.43
CA TYR E 62 -33.12 28.41 12.58
C TYR E 62 -32.35 29.66 12.18
N GLY E 63 -32.87 30.83 12.57
CA GLY E 63 -32.24 32.08 12.21
C GLY E 63 -32.34 32.44 10.74
N VAL E 64 -32.89 31.55 9.92
CA VAL E 64 -33.08 31.78 8.50
C VAL E 64 -34.35 31.05 8.08
N SER E 65 -34.96 31.53 7.02
CA SER E 65 -36.03 30.74 6.47
C SER E 65 -35.56 30.07 5.18
N PRO E 66 -35.90 28.81 4.96
CA PRO E 66 -35.38 28.11 3.78
C PRO E 66 -35.83 28.75 2.48
N THR E 67 -37.03 29.32 2.44
CA THR E 67 -37.51 30.02 1.26
C THR E 67 -36.51 31.07 0.79
N LYS E 68 -36.06 31.93 1.70
CA LYS E 68 -35.15 33.02 1.36
C LYS E 68 -33.70 32.63 1.66
N LEU E 69 -33.26 31.53 1.06
CA LEU E 69 -31.89 31.06 1.24
C LEU E 69 -31.04 31.15 -0.02
N ASN E 70 -31.65 31.04 -1.20
CA ASN E 70 -30.90 31.15 -2.45
C ASN E 70 -30.43 32.57 -2.71
N ASP E 71 -30.87 33.54 -1.92
CA ASP E 71 -30.48 34.93 -2.07
C ASP E 71 -29.31 35.31 -1.18
N LEU E 72 -28.83 34.39 -0.35
CA LEU E 72 -27.81 34.69 0.63
C LEU E 72 -26.44 34.18 0.16
N CYS E 73 -25.40 34.70 0.80
CA CYS E 73 -24.03 34.28 0.54
C CYS E 73 -23.32 34.08 1.87
N PHE E 74 -22.57 32.99 1.98
CA PHE E 74 -21.84 32.68 3.20
C PHE E 74 -20.38 32.41 2.88
N THR E 75 -19.53 32.59 3.88
CA THR E 75 -18.11 32.27 3.74
C THR E 75 -17.92 30.77 3.58
N ASN E 76 -18.53 29.98 4.46
CA ASN E 76 -18.49 28.53 4.37
C ASN E 76 -19.84 27.97 4.78
N VAL E 77 -20.06 26.72 4.39
CA VAL E 77 -21.22 25.95 4.82
C VAL E 77 -20.72 24.61 5.34
N TYR E 78 -21.08 24.27 6.56
CA TYR E 78 -20.65 23.02 7.19
C TYR E 78 -21.82 22.06 7.29
N ALA E 79 -21.57 20.80 6.97
CA ALA E 79 -22.59 19.76 6.98
C ALA E 79 -22.14 18.66 7.94
N ASP E 80 -22.87 18.51 9.05
CA ASP E 80 -22.62 17.43 10.01
C ASP E 80 -23.64 16.34 9.75
N SER E 81 -23.17 15.12 9.53
CA SER E 81 -24.03 14.00 9.21
C SER E 81 -23.78 12.84 10.15
N PHE E 82 -24.85 12.12 10.50
CA PHE E 82 -24.79 10.98 11.39
C PHE E 82 -26.14 10.27 11.36
N VAL E 83 -26.29 9.25 12.19
CA VAL E 83 -27.52 8.47 12.28
C VAL E 83 -27.96 8.41 13.73
N ILE E 84 -29.27 8.55 13.95
CA ILE E 84 -29.92 8.32 15.23
C ILE E 84 -31.28 7.71 14.94
N ARG E 85 -31.98 7.30 16.00
CA ARG E 85 -33.33 6.81 15.81
C ARG E 85 -34.31 7.98 15.76
N GLY E 86 -35.44 7.75 15.09
CA GLY E 86 -36.39 8.83 14.84
C GLY E 86 -36.88 9.51 16.10
N ASP E 87 -37.01 8.76 17.19
CA ASP E 87 -37.44 9.36 18.45
C ASP E 87 -36.45 10.35 19.01
N GLU E 88 -35.22 10.40 18.48
CA GLU E 88 -34.20 11.29 18.99
C GLU E 88 -33.95 12.52 18.12
N VAL E 89 -34.51 12.55 16.90
CA VAL E 89 -34.32 13.72 16.03
C VAL E 89 -34.74 15.01 16.72
N ARG E 90 -35.72 14.94 17.62
CA ARG E 90 -36.13 16.11 18.38
C ARG E 90 -34.99 16.69 19.22
N GLN E 91 -33.98 15.89 19.55
CA GLN E 91 -32.87 16.39 20.34
C GLN E 91 -31.89 17.22 19.51
N ILE E 92 -31.94 17.12 18.18
CA ILE E 92 -31.02 17.83 17.31
C ILE E 92 -31.56 19.24 17.08
N ALA E 93 -31.67 20.02 18.14
CA ALA E 93 -32.23 21.36 18.08
C ALA E 93 -31.63 22.18 19.22
N PRO E 94 -31.60 23.50 19.10
CA PRO E 94 -31.09 24.34 20.19
C PRO E 94 -31.84 24.11 21.48
N GLY E 95 -31.11 24.15 22.59
CA GLY E 95 -31.72 24.08 23.90
C GLY E 95 -32.36 22.75 24.25
N GLN E 96 -31.96 21.66 23.60
CA GLN E 96 -32.51 20.36 23.89
C GLN E 96 -31.62 19.59 24.85
N THR E 97 -32.22 18.63 25.55
CA THR E 97 -31.51 17.76 26.48
C THR E 97 -31.86 16.31 26.16
N GLY E 98 -31.06 15.40 26.70
CA GLY E 98 -31.19 13.98 26.42
C GLY E 98 -29.88 13.36 26.00
N LYS E 99 -29.87 12.02 26.00
CA LYS E 99 -28.68 11.25 25.65
C LYS E 99 -27.94 11.82 24.44
N ILE E 100 -28.66 12.01 23.34
CA ILE E 100 -28.01 12.45 22.11
C ILE E 100 -27.56 13.90 22.23
N ALA E 101 -28.45 14.77 22.74
CA ALA E 101 -28.13 16.19 22.81
C ALA E 101 -27.06 16.48 23.85
N ASP E 102 -27.02 15.71 24.94
CA ASP E 102 -26.07 15.97 26.02
C ASP E 102 -24.72 15.28 25.81
N TYR E 103 -24.71 14.10 25.20
CA TYR E 103 -23.51 13.29 25.15
C TYR E 103 -23.00 13.04 23.73
N ASN E 104 -23.70 13.50 22.70
CA ASN E 104 -23.31 13.11 21.35
C ASN E 104 -23.23 14.28 20.38
N TYR E 105 -24.27 15.13 20.33
CA TYR E 105 -24.28 16.24 19.39
C TYR E 105 -25.14 17.36 19.97
N LYS E 106 -24.49 18.42 20.44
CA LYS E 106 -25.16 19.55 21.08
C LYS E 106 -25.10 20.76 20.15
N LEU E 107 -26.28 21.28 19.78
CA LEU E 107 -26.34 22.52 19.02
C LEU E 107 -26.46 23.71 19.96
N PRO E 108 -25.89 24.85 19.60
CA PRO E 108 -25.95 26.04 20.46
C PRO E 108 -27.33 26.69 20.40
N ASP E 109 -27.54 27.63 21.32
CA ASP E 109 -28.78 28.41 21.28
C ASP E 109 -28.76 29.41 20.14
N ASP E 110 -27.64 30.09 19.94
CA ASP E 110 -27.51 31.05 18.84
C ASP E 110 -27.41 30.36 17.46
N PHE E 111 -27.76 29.08 17.38
CA PHE E 111 -27.58 28.33 16.15
C PHE E 111 -28.34 28.98 14.99
N THR E 112 -27.67 29.05 13.84
CA THR E 112 -28.27 29.56 12.61
C THR E 112 -27.96 28.55 11.51
N GLY E 113 -28.98 27.84 11.07
CA GLY E 113 -28.82 26.82 10.06
C GLY E 113 -30.04 25.93 10.02
N CYS E 114 -29.94 24.87 9.22
CA CYS E 114 -31.04 23.96 9.00
C CYS E 114 -30.66 22.54 9.43
N VAL E 115 -31.64 21.83 9.97
CA VAL E 115 -31.47 20.47 10.48
C VAL E 115 -32.35 19.56 9.67
N ILE E 116 -31.75 18.62 8.96
CA ILE E 116 -32.45 17.79 7.99
C ILE E 116 -32.31 16.33 8.40
N ALA E 117 -33.44 15.61 8.44
CA ALA E 117 -33.46 14.22 8.83
C ALA E 117 -34.40 13.45 7.91
N TRP E 118 -34.10 12.16 7.72
CA TRP E 118 -34.99 11.31 6.95
C TRP E 118 -34.84 9.86 7.41
N ASN E 119 -35.97 9.14 7.41
CA ASN E 119 -35.96 7.73 7.76
C ASN E 119 -35.10 6.92 6.79
N SER E 120 -34.20 6.12 7.35
CA SER E 120 -33.26 5.31 6.57
C SER E 120 -33.39 3.83 6.93
N ASN E 121 -34.62 3.36 7.18
CA ASN E 121 -34.81 1.98 7.58
C ASN E 121 -34.34 1.01 6.50
N ASN E 122 -34.70 1.28 5.24
CA ASN E 122 -34.28 0.45 4.13
C ASN E 122 -32.77 0.47 3.89
N LEU E 123 -32.04 1.32 4.60
CA LEU E 123 -30.60 1.47 4.36
C LEU E 123 -29.73 1.06 5.55
N ASP E 124 -30.16 1.33 6.77
CA ASP E 124 -29.31 1.15 7.94
C ASP E 124 -29.80 0.07 8.89
N SER E 125 -30.98 -0.49 8.67
CA SER E 125 -31.44 -1.64 9.44
C SER E 125 -31.03 -2.93 8.77
N LYS E 126 -30.55 -3.88 9.57
CA LYS E 126 -30.28 -5.23 9.11
C LYS E 126 -31.21 -6.22 9.81
N VAL E 127 -31.39 -7.37 9.17
CA VAL E 127 -32.03 -8.51 9.82
C VAL E 127 -31.03 -9.12 10.79
N GLY E 128 -31.40 -9.15 12.07
CA GLY E 128 -30.48 -9.51 13.13
C GLY E 128 -29.97 -8.32 13.91
N GLY E 129 -30.21 -7.11 13.42
CA GLY E 129 -29.79 -5.90 14.09
C GLY E 129 -28.49 -5.33 13.55
N ASN E 130 -28.49 -4.05 13.21
CA ASN E 130 -27.29 -3.37 12.73
C ASN E 130 -26.59 -2.80 13.95
N TYR E 131 -25.42 -3.36 14.28
CA TYR E 131 -24.69 -2.99 15.47
C TYR E 131 -23.53 -2.03 15.19
N ASN E 132 -23.40 -1.57 13.95
CA ASN E 132 -22.32 -0.64 13.62
C ASN E 132 -22.63 0.78 14.03
N TYR E 133 -23.90 1.13 14.23
CA TYR E 133 -24.28 2.49 14.58
C TYR E 133 -24.34 2.63 16.09
N LEU E 134 -23.66 3.65 16.61
CA LEU E 134 -23.32 3.75 18.02
C LEU E 134 -23.68 5.12 18.56
N TYR E 135 -23.86 5.19 19.88
CA TYR E 135 -24.08 6.46 20.55
C TYR E 135 -23.46 6.39 21.94
N ARG E 136 -23.00 7.54 22.42
CA ARG E 136 -22.38 7.61 23.74
C ARG E 136 -23.47 7.64 24.79
N LEU E 137 -23.38 6.72 25.74
CA LEU E 137 -24.39 6.57 26.79
C LEU E 137 -23.93 7.09 28.14
N PHE E 138 -22.62 7.25 28.35
CA PHE E 138 -22.08 7.74 29.61
C PHE E 138 -20.99 8.78 29.34
N ARG E 139 -21.02 9.86 30.10
CA ARG E 139 -19.96 10.86 30.07
C ARG E 139 -19.92 11.55 31.42
N LYS E 140 -18.72 12.01 31.80
CA LYS E 140 -18.59 12.73 33.07
C LYS E 140 -19.24 14.11 33.00
N SER E 141 -19.42 14.65 31.80
N SER E 141 -19.43 14.65 31.80
CA SER E 141 -20.05 15.96 31.64
CA SER E 141 -20.05 15.96 31.64
C SER E 141 -20.74 16.01 30.28
C SER E 141 -20.70 16.04 30.27
N ASN E 142 -21.65 16.96 30.15
CA ASN E 142 -22.32 17.18 28.87
C ASN E 142 -21.36 17.88 27.91
N LEU E 143 -21.64 17.75 26.62
CA LEU E 143 -20.83 18.42 25.62
C LEU E 143 -21.17 19.90 25.56
N LYS E 144 -20.15 20.72 25.32
CA LYS E 144 -20.39 22.08 24.88
C LYS E 144 -20.99 22.04 23.47
N PRO E 145 -21.62 23.13 23.04
CA PRO E 145 -22.19 23.15 21.68
C PRO E 145 -21.13 22.88 20.63
N PHE E 146 -21.46 22.00 19.69
CA PHE E 146 -20.58 21.56 18.61
C PHE E 146 -19.29 20.92 19.12
N GLU E 147 -19.23 20.51 20.38
CA GLU E 147 -18.07 19.78 20.86
C GLU E 147 -18.17 18.32 20.40
N ARG E 148 -17.01 17.68 20.25
CA ARG E 148 -16.93 16.32 19.73
C ARG E 148 -16.06 15.49 20.64
N ASP E 149 -16.44 14.22 20.83
CA ASP E 149 -15.73 13.31 21.73
C ASP E 149 -15.84 11.91 21.14
N ILE E 150 -14.75 11.38 20.59
CA ILE E 150 -14.73 10.01 20.08
C ILE E 150 -13.96 9.07 21.01
N SER E 151 -13.73 9.49 22.26
CA SER E 151 -13.02 8.64 23.20
C SER E 151 -13.79 7.36 23.47
N THR E 152 -13.06 6.30 23.79
CA THR E 152 -13.67 5.03 24.18
C THR E 152 -13.16 4.55 25.53
N GLU E 153 -12.69 5.47 26.37
CA GLU E 153 -12.19 5.10 27.68
C GLU E 153 -13.35 4.58 28.54
N ILE E 154 -13.07 3.52 29.30
CA ILE E 154 -14.09 2.87 30.10
C ILE E 154 -14.61 3.86 31.15
N TYR E 155 -15.91 3.84 31.38
CA TYR E 155 -16.57 4.85 32.21
C TYR E 155 -16.57 4.39 33.67
N GLN E 156 -15.84 5.12 34.50
CA GLN E 156 -15.89 4.89 35.93
C GLN E 156 -17.21 5.41 36.50
N ALA E 157 -17.96 4.55 37.18
CA ALA E 157 -19.25 4.91 37.74
C ALA E 157 -19.27 4.80 39.26
N GLY E 158 -18.15 4.45 39.87
CA GLY E 158 -18.02 4.48 41.32
C GLY E 158 -16.70 5.13 41.65
N SER E 159 -16.19 4.91 42.86
CA SER E 159 -14.89 5.47 43.22
C SER E 159 -13.74 4.58 42.82
N THR E 160 -14.01 3.33 42.45
CA THR E 160 -13.00 2.33 42.19
C THR E 160 -12.49 2.48 40.75
N PRO E 161 -11.19 2.29 40.51
CA PRO E 161 -10.66 2.47 39.16
C PRO E 161 -11.12 1.37 38.20
N CYS E 162 -10.95 1.64 36.91
CA CYS E 162 -11.48 0.79 35.86
C CYS E 162 -10.41 0.46 34.82
N ASN E 163 -10.58 -0.71 34.19
CA ASN E 163 -9.73 -1.13 33.08
C ASN E 163 -10.59 -1.52 31.88
N GLY E 164 -11.52 -2.43 32.13
CA GLY E 164 -12.44 -2.87 31.10
C GLY E 164 -13.83 -3.06 31.68
N VAL E 165 -14.73 -3.47 30.80
CA VAL E 165 -16.14 -3.63 31.15
C VAL E 165 -16.33 -4.57 32.34
N GLU E 166 -15.47 -5.58 32.47
CA GLU E 166 -15.64 -6.61 33.49
C GLU E 166 -15.53 -6.09 34.92
N GLY E 167 -15.07 -4.85 35.10
CA GLY E 167 -14.99 -4.29 36.43
C GLY E 167 -16.34 -3.82 36.94
N PHE E 168 -16.49 -3.83 38.26
CA PHE E 168 -17.71 -3.39 38.88
C PHE E 168 -17.81 -1.87 38.85
N ASN E 169 -19.00 -1.37 38.49
CA ASN E 169 -19.21 0.07 38.26
C ASN E 169 -18.22 0.61 37.24
N CYS E 170 -17.92 -0.21 36.23
CA CYS E 170 -17.07 0.14 35.11
C CYS E 170 -17.88 -0.15 33.85
N TYR E 171 -18.52 0.88 33.32
CA TYR E 171 -19.45 0.73 32.21
C TYR E 171 -18.77 1.04 30.88
N PHE E 172 -19.22 0.35 29.84
CA PHE E 172 -18.74 0.69 28.50
C PHE E 172 -19.44 1.95 28.02
N PRO E 173 -18.70 2.98 27.60
CA PRO E 173 -19.35 4.27 27.34
C PRO E 173 -20.28 4.26 26.15
N LEU E 174 -19.92 3.56 25.08
CA LEU E 174 -20.73 3.55 23.88
C LEU E 174 -21.79 2.46 23.96
N GLN E 175 -22.90 2.68 23.26
CA GLN E 175 -23.99 1.72 23.20
C GLN E 175 -24.44 1.57 21.75
N SER E 176 -24.71 0.35 21.33
CA SER E 176 -25.11 0.06 19.97
C SER E 176 -26.62 0.23 19.80
N TYR E 177 -27.02 0.69 18.62
CA TYR E 177 -28.43 0.93 18.35
C TYR E 177 -29.19 -0.36 18.06
N GLY E 178 -28.56 -1.30 17.36
CA GLY E 178 -29.22 -2.54 17.00
C GLY E 178 -30.44 -2.35 16.15
N PHE E 179 -30.26 -1.73 14.97
CA PHE E 179 -31.36 -1.33 14.10
C PHE E 179 -31.90 -2.55 13.36
N GLN E 180 -33.12 -2.94 13.68
CA GLN E 180 -33.82 -3.97 12.92
C GLN E 180 -34.97 -3.34 12.14
N PRO E 181 -35.26 -3.83 10.93
CA PRO E 181 -36.32 -3.21 10.12
C PRO E 181 -37.71 -3.41 10.68
N THR E 182 -37.87 -4.25 11.71
CA THR E 182 -39.17 -4.52 12.31
C THR E 182 -39.46 -3.62 13.50
N ASN E 183 -38.52 -2.74 13.85
CA ASN E 183 -38.71 -1.85 14.97
C ASN E 183 -39.81 -0.84 14.67
N GLY E 184 -40.34 -0.22 15.73
CA GLY E 184 -41.17 0.94 15.57
C GLY E 184 -40.41 2.09 14.93
N VAL E 185 -41.17 3.02 14.34
CA VAL E 185 -40.57 4.15 13.66
C VAL E 185 -39.73 4.98 14.61
N GLY E 186 -40.10 5.03 15.89
CA GLY E 186 -39.29 5.73 16.88
C GLY E 186 -37.97 5.06 17.16
N TYR E 187 -37.83 3.80 16.77
CA TYR E 187 -36.57 3.08 16.90
C TYR E 187 -35.91 2.85 15.55
N GLN E 188 -36.43 3.40 14.52
CA GLN E 188 -35.86 3.18 13.21
C GLN E 188 -34.76 4.19 12.93
N PRO E 189 -33.79 3.82 12.10
CA PRO E 189 -32.66 4.72 11.82
C PRO E 189 -33.09 5.91 10.99
N TYR E 190 -32.74 7.10 11.46
CA TYR E 190 -32.91 8.33 10.70
C TYR E 190 -31.53 8.93 10.42
N ARG E 191 -31.29 9.23 9.16
CA ARG E 191 -30.08 9.93 8.78
C ARG E 191 -30.30 11.43 8.93
N VAL E 192 -29.32 12.11 9.51
CA VAL E 192 -29.45 13.52 9.87
C VAL E 192 -28.32 14.29 9.21
N VAL E 193 -28.66 15.42 8.60
CA VAL E 193 -27.70 16.36 8.06
C VAL E 193 -28.00 17.73 8.64
N VAL E 194 -26.97 18.36 9.21
CA VAL E 194 -27.11 19.67 9.84
C VAL E 194 -26.23 20.64 9.07
N LEU E 195 -26.85 21.66 8.48
CA LEU E 195 -26.11 22.70 7.78
C LEU E 195 -25.94 23.90 8.69
N SER E 196 -24.69 24.33 8.86
CA SER E 196 -24.37 25.59 9.51
C SER E 196 -23.88 26.57 8.45
N PHE E 197 -24.41 27.78 8.49
CA PHE E 197 -23.99 28.85 7.59
C PHE E 197 -23.08 29.79 8.36
N GLU E 198 -21.81 29.80 7.99
CA GLU E 198 -20.79 30.62 8.64
C GLU E 198 -20.51 31.83 7.75
N LEU E 199 -20.92 33.01 8.21
CA LEU E 199 -20.59 34.25 7.54
C LEU E 199 -19.69 35.07 8.46
N LEU E 200 -18.42 35.17 8.08
CA LEU E 200 -17.40 35.93 8.78
C LEU E 200 -17.06 37.19 8.01
N HIS E 201 -16.23 38.03 8.63
CA HIS E 201 -15.68 39.20 7.94
C HIS E 201 -14.55 38.78 7.01
N ALA E 202 -14.89 37.86 6.11
CA ALA E 202 -14.01 37.30 5.10
C ALA E 202 -14.85 37.14 3.83
N PRO E 203 -14.21 37.03 2.66
CA PRO E 203 -14.98 36.92 1.41
C PRO E 203 -15.88 35.70 1.40
N ALA E 204 -17.15 35.90 1.08
CA ALA E 204 -18.07 34.79 0.95
C ALA E 204 -17.70 33.92 -0.25
N THR E 205 -17.87 32.61 -0.09
CA THR E 205 -17.47 31.67 -1.13
C THR E 205 -18.56 30.71 -1.58
N VAL E 206 -19.73 30.71 -0.94
CA VAL E 206 -20.84 29.83 -1.33
C VAL E 206 -22.10 30.67 -1.43
N CYS E 207 -22.64 30.78 -2.64
CA CYS E 207 -23.74 31.69 -2.93
C CYS E 207 -24.87 30.92 -3.61
N GLY E 208 -26.06 31.54 -3.59
CA GLY E 208 -27.17 31.01 -4.32
C GLY E 208 -27.02 31.15 -5.83
N PRO E 209 -28.02 30.67 -6.56
CA PRO E 209 -27.95 30.71 -8.03
C PRO E 209 -28.17 32.12 -8.57
N LYS E 210 -27.94 32.22 -9.89
CA LYS E 210 -28.14 33.40 -10.76
C LYS E 210 -26.82 34.18 -10.83
N ASN F 13 -23.49 -35.79 7.68
CA ASN F 13 -24.27 -34.75 8.35
C ASN F 13 -23.73 -33.36 8.02
N ILE F 14 -24.59 -32.36 8.25
CA ILE F 14 -24.32 -30.95 7.97
C ILE F 14 -25.50 -30.18 8.56
N THR F 15 -25.25 -28.99 9.11
CA THR F 15 -26.27 -28.28 9.88
C THR F 15 -26.74 -26.94 9.30
N ASN F 16 -25.98 -26.33 8.39
CA ASN F 16 -26.29 -24.98 7.92
C ASN F 16 -27.63 -24.90 7.17
N LEU F 17 -28.36 -23.82 7.44
CA LEU F 17 -29.51 -23.44 6.61
C LEU F 17 -29.03 -22.67 5.38
N CYS F 18 -29.44 -23.13 4.20
CA CYS F 18 -28.91 -22.57 2.96
C CYS F 18 -29.22 -21.08 2.85
N PRO F 19 -28.28 -20.27 2.35
CA PRO F 19 -28.42 -18.79 2.33
C PRO F 19 -29.17 -18.27 1.11
N PHE F 20 -30.46 -18.63 1.01
CA PHE F 20 -31.28 -18.13 -0.08
C PHE F 20 -31.56 -16.63 0.03
N GLY F 21 -31.53 -16.08 1.25
CA GLY F 21 -31.70 -14.65 1.41
C GLY F 21 -30.62 -13.87 0.70
N GLU F 22 -29.37 -14.33 0.79
CA GLU F 22 -28.27 -13.70 0.07
C GLU F 22 -28.61 -13.45 -1.39
N VAL F 23 -29.32 -14.39 -2.02
CA VAL F 23 -29.64 -14.27 -3.44
C VAL F 23 -30.96 -13.56 -3.67
N PHE F 24 -31.98 -13.88 -2.87
CA PHE F 24 -33.32 -13.35 -3.12
C PHE F 24 -33.48 -11.92 -2.60
N ASN F 25 -33.17 -11.70 -1.32
CA ASN F 25 -33.34 -10.39 -0.70
C ASN F 25 -32.13 -9.47 -0.96
N ALA F 26 -31.34 -9.75 -1.98
CA ALA F 26 -30.18 -8.94 -2.34
C ALA F 26 -30.60 -7.56 -2.84
N THR F 27 -29.76 -6.56 -2.54
CA THR F 27 -30.10 -5.18 -2.88
C THR F 27 -29.95 -4.92 -4.38
N ARG F 28 -28.86 -5.36 -4.98
CA ARG F 28 -28.55 -5.07 -6.38
C ARG F 28 -28.56 -6.38 -7.17
N PHE F 29 -29.39 -6.44 -8.21
CA PHE F 29 -29.44 -7.60 -9.08
C PHE F 29 -28.59 -7.33 -10.33
N ALA F 30 -28.29 -8.41 -11.04
CA ALA F 30 -27.41 -8.32 -12.20
C ALA F 30 -28.21 -7.96 -13.45
N SER F 31 -27.54 -7.29 -14.38
CA SER F 31 -28.06 -7.15 -15.73
C SER F 31 -28.10 -8.53 -16.38
N VAL F 32 -29.18 -8.80 -17.13
CA VAL F 32 -29.41 -10.15 -17.61
C VAL F 32 -28.24 -10.67 -18.45
N TYR F 33 -27.57 -9.80 -19.19
CA TYR F 33 -26.48 -10.25 -20.05
C TYR F 33 -25.30 -10.74 -19.22
N ALA F 34 -24.98 -10.04 -18.13
CA ALA F 34 -23.92 -10.44 -17.21
C ALA F 34 -24.51 -11.06 -15.94
N TRP F 35 -25.34 -12.08 -16.12
CA TRP F 35 -26.08 -12.65 -14.99
C TRP F 35 -25.14 -13.27 -13.96
N ASN F 36 -25.61 -13.33 -12.71
CA ASN F 36 -24.85 -13.85 -11.58
C ASN F 36 -25.23 -15.29 -11.30
N ARG F 37 -24.30 -16.03 -10.69
CA ARG F 37 -24.57 -17.39 -10.23
C ARG F 37 -23.95 -17.59 -8.86
N LYS F 38 -24.72 -18.19 -7.94
CA LYS F 38 -24.23 -18.55 -6.61
C LYS F 38 -24.31 -20.06 -6.43
N ARG F 39 -23.22 -20.64 -5.95
CA ARG F 39 -23.20 -22.04 -5.55
C ARG F 39 -23.80 -22.18 -4.15
N ILE F 40 -24.72 -23.12 -4.00
CA ILE F 40 -25.37 -23.40 -2.73
C ILE F 40 -24.99 -24.83 -2.36
N SER F 41 -24.16 -24.99 -1.33
CA SER F 41 -23.73 -26.32 -0.92
C SER F 41 -23.49 -26.35 0.58
N ASN F 42 -23.34 -27.57 1.10
CA ASN F 42 -23.11 -27.81 2.52
C ASN F 42 -24.13 -27.09 3.39
N CYS F 43 -25.41 -27.32 3.10
CA CYS F 43 -26.48 -26.68 3.87
C CYS F 43 -27.79 -27.43 3.61
N VAL F 44 -28.80 -27.07 4.39
CA VAL F 44 -30.13 -27.68 4.31
C VAL F 44 -31.12 -26.61 3.86
N ALA F 45 -31.96 -26.96 2.87
CA ALA F 45 -32.83 -25.99 2.21
C ALA F 45 -34.29 -26.40 2.40
N ASP F 46 -35.08 -25.52 3.02
CA ASP F 46 -36.52 -25.70 3.15
C ASP F 46 -37.16 -24.92 2.01
N TYR F 47 -37.54 -25.63 0.94
CA TYR F 47 -38.12 -24.99 -0.22
C TYR F 47 -39.51 -24.43 0.06
N SER F 48 -40.18 -24.86 1.14
CA SER F 48 -41.48 -24.32 1.48
C SER F 48 -41.44 -22.82 1.76
N VAL F 49 -40.28 -22.25 2.02
CA VAL F 49 -40.20 -20.81 2.24
C VAL F 49 -40.01 -20.13 0.90
N LEU F 50 -40.26 -20.86 -0.18
CA LEU F 50 -40.18 -20.32 -1.54
C LEU F 50 -41.48 -20.48 -2.30
N TYR F 51 -41.95 -21.71 -2.54
CA TYR F 51 -43.22 -21.90 -3.23
C TYR F 51 -44.44 -21.62 -2.34
N ASN F 52 -44.26 -21.45 -1.03
CA ASN F 52 -45.34 -21.02 -0.16
C ASN F 52 -45.26 -19.53 0.19
N SER F 53 -44.29 -18.80 -0.35
CA SER F 53 -44.26 -17.36 -0.20
C SER F 53 -45.17 -16.74 -1.26
N ALA F 54 -45.96 -15.75 -0.85
CA ALA F 54 -46.85 -15.04 -1.76
C ALA F 54 -46.16 -13.87 -2.44
N SER F 55 -44.85 -13.95 -2.63
CA SER F 55 -44.06 -12.87 -3.18
C SER F 55 -43.80 -13.00 -4.67
N PHE F 56 -44.02 -14.17 -5.26
CA PHE F 56 -43.52 -14.48 -6.59
C PHE F 56 -44.66 -14.51 -7.60
N SER F 57 -44.49 -13.77 -8.69
CA SER F 57 -45.43 -13.83 -9.80
C SER F 57 -45.28 -15.11 -10.60
N THR F 58 -44.06 -15.65 -10.69
CA THR F 58 -43.80 -16.87 -11.45
C THR F 58 -43.00 -17.83 -10.59
N PHE F 59 -43.43 -19.10 -10.59
CA PHE F 59 -42.70 -20.18 -9.92
C PHE F 59 -42.99 -21.45 -10.73
N LYS F 60 -42.12 -21.74 -11.69
CA LYS F 60 -42.36 -22.77 -12.69
C LYS F 60 -41.19 -23.75 -12.66
N CYS F 61 -41.45 -25.00 -12.32
CA CYS F 61 -40.42 -26.00 -12.12
C CYS F 61 -40.43 -27.00 -13.27
N TYR F 62 -39.26 -27.58 -13.54
CA TYR F 62 -39.07 -28.47 -14.69
C TYR F 62 -38.32 -29.71 -14.25
N GLY F 63 -38.82 -30.88 -14.62
CA GLY F 63 -38.21 -32.12 -14.21
C GLY F 63 -38.39 -32.46 -12.75
N VAL F 64 -39.01 -31.59 -11.96
CA VAL F 64 -39.24 -31.80 -10.54
C VAL F 64 -40.56 -31.14 -10.15
N SER F 65 -41.15 -31.64 -9.07
CA SER F 65 -42.30 -30.92 -8.53
C SER F 65 -41.90 -30.15 -7.28
N PRO F 66 -42.35 -28.90 -7.16
CA PRO F 66 -41.90 -28.07 -6.02
C PRO F 66 -42.37 -28.60 -4.69
N THR F 67 -43.59 -29.13 -4.61
CA THR F 67 -44.08 -29.74 -3.39
C THR F 67 -43.11 -30.80 -2.88
N LYS F 68 -42.70 -31.68 -3.77
CA LYS F 68 -41.84 -32.81 -3.43
C LYS F 68 -40.38 -32.46 -3.73
N LEU F 69 -39.92 -31.37 -3.11
CA LEU F 69 -38.54 -30.90 -3.24
C LEU F 69 -37.72 -31.02 -1.97
N ASN F 70 -38.35 -30.92 -0.80
CA ASN F 70 -37.64 -31.08 0.46
C ASN F 70 -37.24 -32.53 0.73
N ASP F 71 -37.65 -33.47 -0.11
CA ASP F 71 -37.31 -34.87 0.09
C ASP F 71 -36.06 -35.32 -0.66
N LEU F 72 -35.48 -34.47 -1.49
CA LEU F 72 -34.31 -34.84 -2.27
C LEU F 72 -33.03 -34.25 -1.69
N CYS F 73 -31.91 -34.77 -2.21
CA CYS F 73 -30.57 -34.33 -1.86
C CYS F 73 -29.83 -34.13 -3.17
N PHE F 74 -29.07 -33.03 -3.25
CA PHE F 74 -28.33 -32.72 -4.47
C PHE F 74 -26.87 -32.52 -4.13
N THR F 75 -26.03 -32.71 -5.15
CA THR F 75 -24.61 -32.41 -5.00
C THR F 75 -24.41 -30.91 -4.81
N ASN F 76 -25.01 -30.11 -5.70
CA ASN F 76 -24.98 -28.66 -5.58
C ASN F 76 -26.31 -28.10 -6.09
N VAL F 77 -26.58 -26.86 -5.71
CA VAL F 77 -27.72 -26.11 -6.25
C VAL F 77 -27.20 -24.75 -6.69
N TYR F 78 -27.47 -24.38 -7.92
CA TYR F 78 -27.01 -23.12 -8.49
C TYR F 78 -28.17 -22.16 -8.67
N ALA F 79 -27.95 -20.90 -8.31
CA ALA F 79 -28.98 -19.86 -8.40
C ALA F 79 -28.47 -18.74 -9.30
N ASP F 80 -29.11 -18.58 -10.46
CA ASP F 80 -28.81 -17.50 -11.38
C ASP F 80 -29.85 -16.41 -11.21
N SER F 81 -29.40 -15.18 -10.93
CA SER F 81 -30.30 -14.08 -10.68
C SER F 81 -29.95 -12.91 -11.61
N PHE F 82 -30.99 -12.20 -12.05
CA PHE F 82 -30.86 -11.05 -12.94
C PHE F 82 -32.21 -10.36 -13.02
N VAL F 83 -32.28 -9.34 -13.86
CA VAL F 83 -33.51 -8.56 -14.07
C VAL F 83 -33.83 -8.50 -15.55
N ILE F 84 -35.12 -8.62 -15.87
CA ILE F 84 -35.65 -8.37 -17.20
C ILE F 84 -37.02 -7.72 -17.00
N ARG F 85 -37.62 -7.30 -18.11
CA ARG F 85 -38.99 -6.80 -18.05
C ARG F 85 -39.95 -7.98 -18.10
N GLY F 86 -41.14 -7.76 -17.56
CA GLY F 86 -42.06 -8.86 -17.38
C GLY F 86 -42.51 -9.59 -18.61
N ASP F 87 -42.65 -8.87 -19.70
CA ASP F 87 -43.06 -9.51 -20.92
C ASP F 87 -42.02 -10.51 -21.41
N GLU F 88 -40.82 -10.52 -20.83
CA GLU F 88 -39.76 -11.41 -21.27
C GLU F 88 -39.56 -12.61 -20.37
N VAL F 89 -40.17 -12.63 -19.18
CA VAL F 89 -40.04 -13.77 -18.27
C VAL F 89 -40.45 -15.08 -18.93
N ARG F 90 -41.41 -15.02 -19.86
CA ARG F 90 -41.79 -16.22 -20.57
C ARG F 90 -40.65 -16.82 -21.37
N GLN F 91 -39.62 -16.03 -21.70
CA GLN F 91 -38.48 -16.53 -22.43
C GLN F 91 -37.54 -17.36 -21.55
N ILE F 92 -37.68 -17.27 -20.23
CA ILE F 92 -36.80 -17.98 -19.30
C ILE F 92 -37.34 -19.39 -19.12
N ALA F 93 -37.36 -20.16 -20.20
CA ALA F 93 -37.89 -21.51 -20.19
C ALA F 93 -37.21 -22.30 -21.29
N PRO F 94 -37.17 -23.63 -21.19
CA PRO F 94 -36.58 -24.44 -22.26
C PRO F 94 -37.27 -24.18 -23.59
N GLY F 95 -36.48 -24.20 -24.66
CA GLY F 95 -37.02 -24.09 -26.00
C GLY F 95 -37.65 -22.77 -26.35
N GLN F 96 -37.28 -21.69 -25.68
CA GLN F 96 -37.82 -20.37 -25.97
C GLN F 96 -36.90 -19.59 -26.90
N THR F 97 -37.49 -18.65 -27.63
CA THR F 97 -36.73 -17.77 -28.51
C THR F 97 -37.08 -16.32 -28.21
N GLY F 98 -36.25 -15.42 -28.70
CA GLY F 98 -36.37 -14.01 -28.43
C GLY F 98 -35.06 -13.43 -27.93
N LYS F 99 -35.00 -12.09 -27.93
CA LYS F 99 -33.80 -11.36 -27.51
C LYS F 99 -33.16 -11.95 -26.26
N ILE F 100 -33.94 -12.14 -25.20
CA ILE F 100 -33.38 -12.59 -23.94
C ILE F 100 -32.93 -14.04 -24.05
N ALA F 101 -33.78 -14.90 -24.62
CA ALA F 101 -33.46 -16.31 -24.71
C ALA F 101 -32.32 -16.58 -25.69
N ASP F 102 -32.22 -15.78 -26.74
CA ASP F 102 -31.20 -16.00 -27.76
C ASP F 102 -29.87 -15.33 -27.45
N TYR F 103 -29.88 -14.15 -26.81
CA TYR F 103 -28.67 -13.35 -26.65
C TYR F 103 -28.25 -13.12 -25.21
N ASN F 104 -29.00 -13.58 -24.22
CA ASN F 104 -28.68 -13.21 -22.85
C ASN F 104 -28.66 -14.41 -21.90
N TYR F 105 -29.73 -15.21 -21.91
CA TYR F 105 -29.85 -16.33 -20.98
C TYR F 105 -30.73 -17.39 -21.62
N LYS F 106 -30.11 -18.49 -22.06
CA LYS F 106 -30.81 -19.58 -22.71
C LYS F 106 -30.81 -20.80 -21.79
N LEU F 107 -32.00 -21.29 -21.48
CA LEU F 107 -32.02 -22.56 -20.76
C LEU F 107 -32.06 -23.72 -21.74
N PRO F 108 -31.47 -24.86 -21.37
CA PRO F 108 -31.47 -26.02 -22.28
C PRO F 108 -32.84 -26.69 -22.30
N ASP F 109 -32.98 -27.64 -23.24
CA ASP F 109 -34.21 -28.41 -23.30
C ASP F 109 -34.28 -29.43 -22.16
N ASP F 110 -33.18 -30.12 -21.87
CA ASP F 110 -33.13 -31.09 -20.77
C ASP F 110 -33.11 -30.43 -19.39
N PHE F 111 -33.45 -29.15 -19.30
CA PHE F 111 -33.31 -28.40 -18.05
C PHE F 111 -34.09 -29.07 -16.91
N THR F 112 -33.46 -29.07 -15.73
CA THR F 112 -34.08 -29.59 -14.50
C THR F 112 -33.89 -28.53 -13.42
N GLY F 113 -34.97 -27.87 -13.04
CA GLY F 113 -34.91 -26.84 -12.04
C GLY F 113 -36.16 -25.98 -12.04
N CYS F 114 -36.11 -24.92 -11.24
CA CYS F 114 -37.25 -24.03 -11.06
C CYS F 114 -36.87 -22.60 -11.45
N VAL F 115 -37.83 -21.89 -12.05
CA VAL F 115 -37.64 -20.53 -12.53
C VAL F 115 -38.59 -19.62 -11.75
N ILE F 116 -38.03 -18.67 -11.01
CA ILE F 116 -38.80 -17.84 -10.09
C ILE F 116 -38.62 -16.37 -10.45
N ALA F 117 -39.72 -15.64 -10.56
CA ALA F 117 -39.73 -14.23 -10.94
C ALA F 117 -40.70 -13.45 -10.07
N TRP F 118 -40.40 -12.17 -9.83
CA TRP F 118 -41.31 -11.31 -9.06
C TRP F 118 -41.13 -9.83 -9.41
N ASN F 119 -42.23 -9.06 -9.29
CA ASN F 119 -42.18 -7.63 -9.61
C ASN F 119 -41.25 -6.88 -8.68
N SER F 120 -40.33 -6.11 -9.27
CA SER F 120 -39.37 -5.31 -8.54
C SER F 120 -39.48 -3.85 -8.92
N ASN F 121 -40.70 -3.39 -9.24
CA ASN F 121 -40.88 -1.99 -9.61
C ASN F 121 -40.52 -1.07 -8.46
N ASN F 122 -40.91 -1.43 -7.24
CA ASN F 122 -40.60 -0.62 -6.08
C ASN F 122 -39.10 -0.53 -5.82
N LEU F 123 -38.29 -1.31 -6.52
CA LEU F 123 -36.86 -1.39 -6.26
C LEU F 123 -35.98 -0.94 -7.42
N ASP F 124 -36.40 -1.19 -8.66
CA ASP F 124 -35.50 -1.03 -9.80
C ASP F 124 -35.86 0.11 -10.72
N SER F 125 -36.96 0.83 -10.50
CA SER F 125 -37.27 2.01 -11.29
C SER F 125 -36.82 3.34 -10.70
N LYS F 126 -36.29 4.18 -11.58
CA LYS F 126 -36.14 5.62 -11.37
C LYS F 126 -37.50 6.28 -11.40
N VAL F 127 -37.58 7.48 -10.85
CA VAL F 127 -38.32 8.50 -11.57
C VAL F 127 -37.40 8.99 -12.67
N GLY F 128 -37.80 8.81 -13.93
CA GLY F 128 -36.96 9.13 -15.07
C GLY F 128 -36.38 7.96 -15.85
N GLY F 129 -36.50 6.73 -15.34
CA GLY F 129 -36.03 5.54 -16.03
C GLY F 129 -34.67 5.06 -15.59
N ASN F 130 -34.58 3.80 -15.15
CA ASN F 130 -33.35 3.23 -14.61
C ASN F 130 -32.53 2.65 -15.76
N TYR F 131 -31.36 3.24 -16.01
CA TYR F 131 -30.52 2.87 -17.13
C TYR F 131 -29.39 1.95 -16.74
N ASN F 132 -29.34 1.50 -15.48
CA ASN F 132 -28.29 0.57 -15.08
C ASN F 132 -28.58 -0.86 -15.51
N TYR F 133 -29.84 -1.20 -15.77
CA TYR F 133 -30.19 -2.55 -16.17
C TYR F 133 -30.15 -2.68 -17.69
N LEU F 134 -29.40 -3.65 -18.17
CA LEU F 134 -29.03 -3.74 -19.58
C LEU F 134 -29.31 -5.14 -20.11
N TYR F 135 -29.44 -5.22 -21.44
CA TYR F 135 -29.62 -6.50 -22.11
C TYR F 135 -28.95 -6.43 -23.48
N ARG F 136 -28.47 -7.57 -23.94
CA ARG F 136 -27.80 -7.64 -25.23
C ARG F 136 -28.81 -7.64 -26.37
N LEU F 137 -28.64 -6.71 -27.31
CA LEU F 137 -29.53 -6.56 -28.44
C LEU F 137 -28.97 -7.10 -29.75
N PHE F 138 -27.66 -7.26 -29.85
CA PHE F 138 -27.03 -7.75 -31.06
C PHE F 138 -25.98 -8.79 -30.72
N ARG F 139 -25.95 -9.86 -31.50
CA ARG F 139 -24.90 -10.86 -31.38
C ARG F 139 -24.76 -11.57 -32.72
N LYS F 140 -23.54 -12.03 -33.01
CA LYS F 140 -23.29 -12.73 -34.25
C LYS F 140 -23.97 -14.10 -34.28
N SER F 141 -24.17 -14.70 -33.12
N SER F 141 -24.17 -14.70 -33.11
CA SER F 141 -24.83 -16.00 -33.05
CA SER F 141 -24.81 -16.01 -33.03
C SER F 141 -25.55 -16.12 -31.72
C SER F 141 -25.54 -16.13 -31.70
N ASN F 142 -26.44 -17.11 -31.63
CA ASN F 142 -27.16 -17.36 -30.39
C ASN F 142 -26.26 -18.03 -29.38
N LEU F 143 -26.64 -17.92 -28.11
CA LEU F 143 -25.88 -18.59 -27.06
C LEU F 143 -26.21 -20.07 -27.01
N LYS F 144 -25.19 -20.86 -26.66
CA LYS F 144 -25.43 -22.21 -26.20
C LYS F 144 -26.19 -22.15 -24.87
N PRO F 145 -26.84 -23.25 -24.48
CA PRO F 145 -27.51 -23.25 -23.17
C PRO F 145 -26.51 -22.99 -22.05
N PHE F 146 -26.90 -22.10 -21.14
CA PHE F 146 -26.06 -21.65 -20.03
C PHE F 146 -24.80 -20.94 -20.48
N GLU F 147 -24.74 -20.50 -21.74
CA GLU F 147 -23.61 -19.70 -22.18
C GLU F 147 -23.74 -18.26 -21.68
N ARG F 148 -22.60 -17.61 -21.52
CA ARG F 148 -22.53 -16.26 -20.97
C ARG F 148 -21.65 -15.39 -21.86
N ASP F 149 -22.05 -14.13 -22.02
CA ASP F 149 -21.30 -13.20 -22.86
C ASP F 149 -21.40 -11.81 -22.22
N ILE F 150 -20.31 -11.36 -21.61
CA ILE F 150 -20.26 -10.02 -21.05
C ILE F 150 -19.45 -9.08 -21.93
N SER F 151 -19.16 -9.48 -23.16
CA SER F 151 -18.40 -8.64 -24.08
C SER F 151 -19.20 -7.38 -24.41
N THR F 152 -18.47 -6.29 -24.67
CA THR F 152 -19.08 -5.05 -25.11
C THR F 152 -18.45 -4.57 -26.41
N GLU F 153 -17.93 -5.50 -27.20
CA GLU F 153 -17.34 -5.15 -28.48
C GLU F 153 -18.41 -4.62 -29.42
N ILE F 154 -18.06 -3.57 -30.17
CA ILE F 154 -19.03 -2.95 -31.08
C ILE F 154 -19.45 -3.96 -32.14
N TYR F 155 -20.73 -3.94 -32.47
CA TYR F 155 -21.34 -4.95 -33.35
C TYR F 155 -21.22 -4.50 -34.80
N GLN F 156 -20.46 -5.24 -35.59
CA GLN F 156 -20.39 -5.00 -37.02
C GLN F 156 -21.67 -5.51 -37.68
N ALA F 157 -22.37 -4.63 -38.41
CA ALA F 157 -23.60 -4.98 -39.09
C ALA F 157 -23.53 -4.78 -40.59
N GLY F 158 -22.36 -4.42 -41.13
CA GLY F 158 -22.16 -4.33 -42.55
C GLY F 158 -20.84 -4.95 -42.94
N SER F 159 -20.31 -4.60 -44.11
CA SER F 159 -19.01 -5.12 -44.51
C SER F 159 -17.86 -4.31 -43.94
N THR F 160 -18.13 -3.13 -43.41
CA THR F 160 -17.20 -2.11 -42.92
C THR F 160 -16.82 -2.41 -41.47
N PRO F 161 -15.55 -2.21 -41.11
CA PRO F 161 -15.11 -2.45 -39.73
C PRO F 161 -15.66 -1.39 -38.79
N CYS F 162 -15.54 -1.66 -37.49
CA CYS F 162 -16.17 -0.82 -36.48
C CYS F 162 -15.15 -0.37 -35.45
N ASN F 163 -15.41 0.82 -34.89
CA ASN F 163 -14.60 1.38 -33.81
C ASN F 163 -15.51 1.77 -32.65
N GLY F 164 -16.50 2.61 -32.93
CA GLY F 164 -17.48 3.02 -31.95
C GLY F 164 -18.85 3.14 -32.58
N VAL F 165 -19.83 3.50 -31.74
CA VAL F 165 -21.21 3.60 -32.22
C VAL F 165 -21.32 4.56 -33.39
N GLU F 166 -20.47 5.59 -33.42
CA GLU F 166 -20.56 6.63 -34.44
C GLU F 166 -20.31 6.11 -35.85
N GLY F 167 -19.80 4.89 -35.99
CA GLY F 167 -19.59 4.33 -37.31
C GLY F 167 -20.89 3.81 -37.92
N PHE F 168 -20.93 3.83 -39.24
CA PHE F 168 -22.11 3.38 -39.96
C PHE F 168 -22.21 1.86 -39.92
N ASN F 169 -23.41 1.36 -39.63
CA ASN F 169 -23.63 -0.07 -39.41
C ASN F 169 -22.74 -0.59 -38.30
N CYS F 170 -22.53 0.25 -37.30
CA CYS F 170 -21.75 -0.10 -36.10
C CYS F 170 -22.64 0.20 -34.90
N TYR F 171 -23.31 -0.84 -34.40
CA TYR F 171 -24.29 -0.68 -33.35
C TYR F 171 -23.66 -1.01 -31.99
N PHE F 172 -24.14 -0.31 -30.97
CA PHE F 172 -23.71 -0.68 -29.63
C PHE F 172 -24.44 -1.95 -29.20
N PRO F 173 -23.73 -2.98 -28.74
CA PRO F 173 -24.39 -4.28 -28.53
C PRO F 173 -25.44 -4.27 -27.43
N LEU F 174 -25.18 -3.56 -26.34
CA LEU F 174 -26.08 -3.55 -25.20
C LEU F 174 -27.16 -2.48 -25.37
N GLN F 175 -28.31 -2.72 -24.74
CA GLN F 175 -29.41 -1.77 -24.74
C GLN F 175 -29.93 -1.62 -23.32
N SER F 176 -30.25 -0.38 -22.95
CA SER F 176 -30.72 -0.09 -21.61
C SER F 176 -32.23 -0.29 -21.53
N TYR F 177 -32.68 -0.74 -20.36
CA TYR F 177 -34.10 -0.98 -20.16
C TYR F 177 -34.86 0.31 -19.90
N GLY F 178 -34.27 1.25 -19.16
CA GLY F 178 -34.93 2.49 -18.83
C GLY F 178 -36.20 2.28 -18.05
N PHE F 179 -36.07 1.67 -16.86
CA PHE F 179 -37.22 1.24 -16.07
C PHE F 179 -37.83 2.45 -15.37
N GLN F 180 -39.06 2.79 -15.77
CA GLN F 180 -39.86 3.82 -15.12
C GLN F 180 -41.02 3.18 -14.37
N PRO F 181 -41.41 3.75 -13.21
CA PRO F 181 -42.49 3.14 -12.42
C PRO F 181 -43.85 3.31 -13.05
N THR F 182 -43.96 4.11 -14.10
CA THR F 182 -45.21 4.38 -14.79
C THR F 182 -45.42 3.48 -16.00
N ASN F 183 -44.48 2.60 -16.30
CA ASN F 183 -44.62 1.72 -17.46
C ASN F 183 -45.75 0.72 -17.24
N GLY F 184 -46.22 0.15 -18.34
CA GLY F 184 -47.09 -1.01 -18.25
C GLY F 184 -46.39 -2.16 -17.55
N VAL F 185 -47.21 -3.08 -17.02
CA VAL F 185 -46.66 -4.19 -16.23
C VAL F 185 -45.69 -5.02 -17.06
N GLY F 186 -45.93 -5.14 -18.36
CA GLY F 186 -45.02 -5.86 -19.24
C GLY F 186 -43.68 -5.19 -19.45
N TYR F 187 -43.54 -3.92 -19.06
CA TYR F 187 -42.28 -3.19 -19.17
C TYR F 187 -41.64 -2.94 -17.81
N GLN F 188 -42.18 -3.53 -16.75
CA GLN F 188 -41.75 -3.31 -15.38
C GLN F 188 -40.64 -4.27 -14.99
N PRO F 189 -39.78 -3.86 -14.05
CA PRO F 189 -38.70 -4.75 -13.61
C PRO F 189 -39.19 -5.91 -12.76
N TYR F 190 -38.79 -7.08 -13.24
CA TYR F 190 -39.02 -8.43 -12.76
C TYR F 190 -37.68 -9.08 -12.44
N ARG F 191 -37.47 -9.38 -11.16
CA ARG F 191 -36.26 -10.08 -10.71
C ARG F 191 -36.48 -11.58 -10.87
N VAL F 192 -35.48 -12.26 -11.43
CA VAL F 192 -35.61 -13.67 -11.80
C VAL F 192 -34.50 -14.43 -11.10
N VAL F 193 -34.86 -15.55 -10.49
CA VAL F 193 -33.91 -16.48 -9.91
C VAL F 193 -34.18 -17.85 -10.49
N VAL F 194 -33.14 -18.48 -11.04
CA VAL F 194 -33.24 -19.78 -11.68
C VAL F 194 -32.38 -20.77 -10.90
N LEU F 195 -33.01 -21.79 -10.36
CA LEU F 195 -32.29 -22.84 -9.63
C LEU F 195 -32.08 -24.05 -10.53
N SER F 196 -30.82 -24.48 -10.63
CA SER F 196 -30.46 -25.76 -11.23
C SER F 196 -30.04 -26.70 -10.13
N PHE F 197 -30.56 -27.92 -10.16
CA PHE F 197 -30.21 -28.95 -9.20
C PHE F 197 -29.23 -29.91 -9.88
N GLU F 198 -27.99 -29.90 -9.42
CA GLU F 198 -26.92 -30.70 -9.97
C GLU F 198 -26.71 -31.90 -9.06
N LEU F 199 -27.06 -33.08 -9.54
CA LEU F 199 -26.77 -34.33 -8.82
C LEU F 199 -25.77 -35.12 -9.66
N LEU F 200 -24.55 -35.22 -9.15
CA LEU F 200 -23.50 -35.95 -9.83
C LEU F 200 -23.28 -37.27 -9.09
N HIS F 201 -22.48 -38.14 -9.70
CA HIS F 201 -22.06 -39.37 -9.05
C HIS F 201 -20.96 -39.04 -8.03
N ALA F 202 -21.31 -38.13 -7.14
CA ALA F 202 -20.48 -37.62 -6.06
C ALA F 202 -21.39 -37.43 -4.86
N PRO F 203 -20.81 -37.33 -3.65
CA PRO F 203 -21.66 -37.20 -2.46
C PRO F 203 -22.53 -35.95 -2.51
N ALA F 204 -23.82 -36.14 -2.24
CA ALA F 204 -24.74 -35.01 -2.17
C ALA F 204 -24.41 -34.15 -0.95
N THR F 205 -24.56 -32.83 -1.11
CA THR F 205 -24.18 -31.88 -0.08
C THR F 205 -25.27 -30.91 0.33
N VAL F 206 -26.40 -30.86 -0.39
CA VAL F 206 -27.50 -29.96 -0.05
C VAL F 206 -28.79 -30.76 -0.05
N CYS F 207 -29.42 -30.84 1.12
CA CYS F 207 -30.56 -31.72 1.36
C CYS F 207 -31.74 -30.93 1.89
N GLY F 208 -32.92 -31.54 1.79
CA GLY F 208 -34.08 -31.00 2.44
C GLY F 208 -34.01 -31.16 3.94
N PRO F 209 -35.03 -30.67 4.63
CA PRO F 209 -35.02 -30.70 6.10
C PRO F 209 -35.29 -32.10 6.64
N LYS F 210 -35.21 -32.18 7.98
CA LYS F 210 -35.43 -33.34 8.87
C LYS F 210 -34.11 -33.77 9.51
#